data_9ROB
#
_entry.id   9ROB
#
_cell.length_a   91.621
_cell.length_b   111.099
_cell.length_c   164.282
_cell.angle_alpha   90.00
_cell.angle_beta   90.00
_cell.angle_gamma   90.00
#
_symmetry.space_group_name_H-M   'I 21 21 21'
#
loop_
_entity.id
_entity.type
_entity.pdbx_description
1 polymer 'B-cell receptor CD22'
2 branched beta-D-mannopyranose-(1-4)-2-acetamido-2-deoxy-beta-D-glucopyranose-(1-4)-2-acetamido-2-deoxy-beta-D-glucopyranose
3 non-polymer '(2R,4S,5R,6R)-5-acetamido-2-[[2,3-bis(chloranyl)phenyl]methoxy]-6-[(1R,2R)-1,2-bis(oxidanyl)-3-[(4-phenylphenyl)carbonylamino]propyl]-4-oxidanyl-oxane-2-carboxylic acid'
4 non-polymer GLYCEROL
5 water water
#
_entity_poly.entity_id   1
_entity_poly.type   'polypeptide(L)'
_entity_poly.pdbx_seq_one_letter_code
;ETGDSSKWVFEHPETLYAWEGACVWIPCTYRALDGDLESFILFHNPEYNKATSKFDGTRLYESTKDGKVPSEQKRVQFLG
DKNKNCTLSIHPVHLADSGQLGLRMESKTEKWMERIHLAVSERPFPPHIQLPPEIQESQEVTLTCLLAFSCYGYPIQLQW
LLEGVPMRQAAVTSTSLTIKSVFTRSELKFSPQWSHHGKIVTCQLQDADGKFLSADTVQLNVKHTPKLEIKVTPSDAIVR
EGDSVTMTCEVSSSNPEYTTVSWLKDGTSLKKQNTFTLNLREVTKDQSGKYCCQVSNDVGPGRSEEVFLQVQYAGGTKHH
HHHH
;
_entity_poly.pdbx_strand_id   A,B
#
loop_
_chem_comp.id
_chem_comp.type
_chem_comp.name
_chem_comp.formula
A1JJN non-polymer '(2R,4S,5R,6R)-5-acetamido-2-[[2,3-bis(chloranyl)phenyl]methoxy]-6-[(1R,2R)-1,2-bis(oxidanyl)-3-[(4-phenylphenyl)carbonylamino]propyl]-4-oxidanyl-oxane-2-carboxylic acid' 'C31 H32 Cl2 N2 O9'
BMA D-saccharide, beta linking beta-D-mannopyranose 'C6 H12 O6'
GOL non-polymer GLYCEROL 'C3 H8 O3'
NAG D-saccharide, beta linking 2-acetamido-2-deoxy-beta-D-glucopyranose 'C8 H15 N O6'
#
# COMPACT_ATOMS: atom_id res chain seq x y z
N SER A 6 7.78 -19.47 29.04
CA SER A 6 6.72 -20.45 28.83
C SER A 6 7.22 -21.64 28.02
N LYS A 7 6.67 -22.82 28.30
CA LYS A 7 7.15 -24.04 27.66
C LYS A 7 6.83 -24.06 26.17
N TRP A 8 5.58 -23.71 25.82
CA TRP A 8 5.13 -23.69 24.43
C TRP A 8 4.48 -22.36 24.14
N VAL A 9 5.04 -21.60 23.19
CA VAL A 9 4.52 -20.30 22.80
C VAL A 9 4.19 -20.36 21.32
N PHE A 10 2.93 -20.04 20.97
CA PHE A 10 2.47 -20.04 19.60
C PHE A 10 2.05 -18.64 19.18
N GLU A 11 2.21 -18.36 17.89
CA GLU A 11 1.76 -17.10 17.30
C GLU A 11 1.05 -17.42 16.00
N HIS A 12 -0.25 -17.16 15.96
CA HIS A 12 -1.07 -17.41 14.77
C HIS A 12 -2.36 -16.62 14.92
N PRO A 13 -3.06 -16.35 13.80
CA PRO A 13 -4.35 -15.67 13.90
C PRO A 13 -5.35 -16.47 14.71
N GLU A 14 -6.22 -15.75 15.42
CA GLU A 14 -7.25 -16.39 16.24
C GLU A 14 -8.18 -17.23 15.38
N THR A 15 -8.63 -16.67 14.26
CA THR A 15 -9.51 -17.35 13.33
C THR A 15 -9.02 -17.09 11.92
N LEU A 16 -9.11 -18.11 11.06
CA LEU A 16 -8.82 -17.97 9.64
C LEU A 16 -10.08 -18.25 8.84
N TYR A 17 -10.32 -17.43 7.83
CA TYR A 17 -11.56 -17.46 7.06
C TYR A 17 -11.28 -17.85 5.62
N ALA A 18 -12.24 -18.57 5.04
CA ALA A 18 -12.17 -19.04 3.66
C ALA A 18 -13.57 -19.48 3.26
N TRP A 19 -13.71 -19.92 2.02
CA TRP A 19 -14.98 -20.45 1.54
C TRP A 19 -14.72 -21.69 0.70
N GLU A 20 -15.80 -22.44 0.45
CA GLU A 20 -15.71 -23.69 -0.28
C GLU A 20 -15.10 -23.47 -1.66
N GLY A 21 -14.13 -24.32 -2.01
CA GLY A 21 -13.50 -24.26 -3.31
C GLY A 21 -12.28 -23.38 -3.39
N ALA A 22 -12.05 -22.52 -2.41
CA ALA A 22 -10.86 -21.69 -2.37
C ALA A 22 -9.75 -22.45 -1.64
N CYS A 23 -8.74 -21.74 -1.14
CA CYS A 23 -7.71 -22.34 -0.32
C CYS A 23 -7.55 -21.52 0.95
N VAL A 24 -6.75 -22.03 1.87
CA VAL A 24 -6.44 -21.32 3.11
C VAL A 24 -4.96 -21.51 3.42
N TRP A 25 -4.32 -20.42 3.83
CA TRP A 25 -2.89 -20.41 4.17
C TRP A 25 -2.78 -19.89 5.59
N ILE A 26 -2.32 -20.73 6.51
CA ILE A 26 -2.38 -20.44 7.93
C ILE A 26 -0.98 -20.10 8.45
N PRO A 27 -0.63 -18.82 8.57
CA PRO A 27 0.68 -18.48 9.15
C PRO A 27 0.75 -18.89 10.61
N CYS A 28 1.88 -19.48 11.00
CA CYS A 28 2.03 -20.04 12.33
C CYS A 28 3.50 -20.19 12.66
N THR A 29 3.90 -19.68 13.82
CA THR A 29 5.24 -19.89 14.37
C THR A 29 5.11 -20.30 15.82
N TYR A 30 6.09 -21.08 16.29
CA TYR A 30 6.04 -21.61 17.65
C TYR A 30 7.46 -21.76 18.17
N ARG A 31 7.55 -22.19 19.43
CA ARG A 31 8.84 -22.43 20.09
C ARG A 31 8.61 -23.32 21.28
N ALA A 32 9.22 -24.50 21.29
CA ALA A 32 9.16 -25.43 22.41
C ALA A 32 10.51 -25.50 23.09
N LEU A 33 10.52 -25.28 24.41
CA LEU A 33 11.78 -25.32 25.14
C LEU A 33 12.35 -26.73 25.24
N ASP A 34 11.54 -27.76 25.03
CA ASP A 34 12.00 -29.15 25.07
C ASP A 34 12.67 -29.60 23.77
N GLY A 35 13.05 -28.66 22.89
CA GLY A 35 13.78 -29.02 21.70
C GLY A 35 12.88 -29.26 20.49
N ASP A 36 13.47 -29.93 19.50
CA ASP A 36 12.78 -30.21 18.25
C ASP A 36 11.63 -31.20 18.47
N LEU A 37 10.68 -31.17 17.54
CA LEU A 37 9.53 -32.07 17.61
C LEU A 37 9.91 -33.45 17.11
N GLU A 38 9.13 -34.45 17.55
CA GLU A 38 9.23 -35.80 17.04
C GLU A 38 8.03 -36.23 16.23
N SER A 39 6.86 -35.64 16.46
CA SER A 39 5.66 -35.98 15.72
C SER A 39 4.75 -34.77 15.65
N PHE A 40 4.03 -34.65 14.53
CA PHE A 40 3.02 -33.62 14.35
C PHE A 40 1.78 -34.26 13.73
N ILE A 41 0.62 -33.95 14.29
CA ILE A 41 -0.66 -34.43 13.78
C ILE A 41 -1.64 -33.27 13.78
N LEU A 42 -2.28 -33.03 12.64
CA LEU A 42 -3.30 -32.00 12.51
C LEU A 42 -4.66 -32.66 12.64
N PHE A 43 -5.38 -32.34 13.71
CA PHE A 43 -6.71 -32.88 13.96
C PHE A 43 -7.79 -31.95 13.42
N HIS A 44 -8.95 -32.54 13.14
CA HIS A 44 -10.15 -31.78 12.86
C HIS A 44 -11.16 -32.09 13.96
N ASN A 45 -11.50 -31.06 14.75
CA ASN A 45 -12.37 -31.20 15.92
C ASN A 45 -11.87 -32.31 16.83
N PRO A 46 -10.71 -32.15 17.45
CA PRO A 46 -10.20 -33.21 18.32
C PRO A 46 -11.00 -33.32 19.61
N GLU A 47 -10.94 -34.50 20.21
CA GLU A 47 -11.61 -34.77 21.48
C GLU A 47 -10.68 -35.62 22.33
N TYR A 48 -10.35 -35.13 23.52
CA TYR A 48 -9.44 -35.85 24.40
C TYR A 48 -10.16 -37.07 24.98
N ASN A 49 -9.60 -38.25 24.74
CA ASN A 49 -10.15 -39.50 25.26
C ASN A 49 -9.57 -39.73 26.65
N LYS A 50 -10.37 -39.46 27.69
CA LYS A 50 -9.89 -39.58 29.06
C LYS A 50 -9.53 -41.01 29.43
N ALA A 51 -10.08 -42.00 28.72
CA ALA A 51 -9.75 -43.39 29.02
C ALA A 51 -8.33 -43.73 28.58
N THR A 52 -8.05 -43.63 27.29
CA THR A 52 -6.75 -43.98 26.74
C THR A 52 -5.71 -42.87 26.89
N SER A 53 -6.10 -41.71 27.43
CA SER A 53 -5.18 -40.59 27.65
C SER A 53 -4.57 -40.11 26.32
N LYS A 54 -5.38 -40.12 25.27
CA LYS A 54 -4.94 -39.69 23.94
C LYS A 54 -6.07 -38.93 23.27
N PHE A 55 -5.71 -38.21 22.19
CA PHE A 55 -6.67 -37.44 21.43
C PHE A 55 -7.29 -38.29 20.32
N ASP A 56 -8.58 -38.12 20.10
CA ASP A 56 -9.31 -38.79 19.03
C ASP A 56 -9.82 -37.76 18.03
N GLY A 57 -10.34 -38.25 16.92
CA GLY A 57 -10.89 -37.42 15.87
C GLY A 57 -10.16 -37.58 14.56
N THR A 58 -10.77 -37.00 13.53
CA THR A 58 -10.22 -37.09 12.18
C THR A 58 -8.84 -36.42 12.11
N ARG A 59 -7.92 -37.07 11.42
CA ARG A 59 -6.56 -36.58 11.24
C ARG A 59 -6.38 -36.12 9.81
N LEU A 60 -6.07 -34.85 9.63
CA LEU A 60 -5.85 -34.29 8.29
C LEU A 60 -4.40 -34.40 7.84
N TYR A 61 -3.46 -34.54 8.77
CA TYR A 61 -2.05 -34.66 8.41
C TYR A 61 -1.32 -35.40 9.52
N GLU A 62 -0.36 -36.23 9.14
CA GLU A 62 0.47 -36.96 10.09
C GLU A 62 1.92 -36.90 9.61
N SER A 63 2.82 -36.42 10.46
CA SER A 63 4.23 -36.33 10.08
C SER A 63 4.89 -37.69 9.96
N THR A 64 4.33 -38.72 10.59
CA THR A 64 4.89 -40.06 10.49
C THR A 64 4.55 -40.73 9.17
N LYS A 65 3.37 -40.44 8.61
CA LYS A 65 2.95 -41.01 7.34
C LYS A 65 3.07 -40.03 6.18
N ASP A 66 3.30 -38.75 6.46
CA ASP A 66 3.48 -37.72 5.44
C ASP A 66 2.29 -37.66 4.48
N SER A 71 3.59 -34.41 0.81
CA SER A 71 3.96 -34.25 -0.60
C SER A 71 3.27 -33.04 -1.21
N GLU A 72 3.78 -32.57 -2.34
CA GLU A 72 3.20 -31.41 -3.01
C GLU A 72 1.88 -31.74 -3.70
N GLN A 73 1.59 -33.02 -3.94
CA GLN A 73 0.32 -33.46 -4.50
C GLN A 73 -0.74 -33.68 -3.44
N LYS A 74 -0.57 -33.10 -2.25
CA LYS A 74 -1.48 -33.31 -1.13
C LYS A 74 -2.35 -32.06 -0.93
N ARG A 75 -3.62 -32.30 -0.59
CA ARG A 75 -4.53 -31.19 -0.30
C ARG A 75 -4.10 -30.46 0.97
N VAL A 76 -3.97 -31.19 2.07
CA VAL A 76 -3.47 -30.63 3.32
C VAL A 76 -1.96 -30.78 3.34
N GLN A 77 -1.25 -29.68 3.55
CA GLN A 77 0.21 -29.68 3.58
C GLN A 77 0.69 -29.01 4.86
N PHE A 78 1.85 -29.48 5.33
CA PHE A 78 2.53 -28.88 6.47
C PHE A 78 3.80 -28.21 5.95
N LEU A 79 3.80 -26.89 5.92
CA LEU A 79 4.92 -26.11 5.40
C LEU A 79 5.92 -25.73 6.48
N GLY A 80 5.83 -26.33 7.66
CA GLY A 80 6.69 -25.98 8.77
C GLY A 80 7.75 -27.03 9.06
N ASP A 81 8.55 -26.73 10.08
CA ASP A 81 9.67 -27.59 10.46
C ASP A 81 9.55 -28.05 11.91
N LYS A 82 10.66 -28.52 12.48
CA LYS A 82 10.67 -29.07 13.83
C LYS A 82 10.97 -28.02 14.90
N ASN A 83 11.19 -26.76 14.52
CA ASN A 83 11.69 -25.86 15.55
C ASN A 83 10.91 -24.55 15.67
N LYS A 84 10.42 -23.98 14.57
CA LYS A 84 9.87 -22.63 14.67
C LYS A 84 8.71 -22.31 13.73
N ASN A 85 8.25 -23.23 12.89
CA ASN A 85 7.28 -22.92 11.85
C ASN A 85 6.21 -24.00 11.85
N CYS A 86 4.94 -23.58 11.99
CA CYS A 86 3.80 -24.50 12.00
C CYS A 86 2.77 -24.11 10.94
N THR A 87 3.23 -23.48 9.86
CA THR A 87 2.32 -23.02 8.81
C THR A 87 1.61 -24.20 8.15
N LEU A 88 0.31 -24.05 7.94
CA LEU A 88 -0.51 -25.07 7.32
C LEU A 88 -1.13 -24.54 6.02
N SER A 89 -1.37 -25.44 5.08
CA SER A 89 -1.95 -25.09 3.79
C SER A 89 -2.99 -26.14 3.41
N ILE A 90 -4.18 -25.69 3.07
CA ILE A 90 -5.26 -26.55 2.59
C ILE A 90 -5.70 -26.02 1.25
N HIS A 91 -5.48 -26.80 0.20
CA HIS A 91 -5.76 -26.37 -1.17
C HIS A 91 -6.24 -27.55 -1.99
N PRO A 92 -7.54 -27.62 -2.33
CA PRO A 92 -8.55 -26.64 -1.93
C PRO A 92 -9.15 -26.93 -0.55
N VAL A 93 -9.63 -25.89 0.11
CA VAL A 93 -10.32 -26.02 1.40
C VAL A 93 -11.79 -26.30 1.11
N HIS A 94 -12.45 -27.02 2.02
CA HIS A 94 -13.84 -27.40 1.86
C HIS A 94 -14.64 -27.00 3.08
N LEU A 95 -15.97 -27.00 2.92
CA LEU A 95 -16.86 -26.65 4.01
C LEU A 95 -16.72 -27.61 5.19
N ALA A 96 -16.33 -28.87 4.92
CA ALA A 96 -16.15 -29.84 5.98
C ALA A 96 -14.90 -29.57 6.83
N ASP A 97 -13.89 -28.90 6.26
CA ASP A 97 -12.72 -28.53 7.05
C ASP A 97 -13.04 -27.46 8.08
N SER A 98 -14.17 -26.77 7.94
CA SER A 98 -14.55 -25.74 8.89
C SER A 98 -14.68 -26.32 10.29
N GLY A 99 -14.23 -25.57 11.29
CA GLY A 99 -14.27 -26.03 12.66
C GLY A 99 -13.01 -25.69 13.42
N GLN A 100 -12.68 -26.52 14.41
CA GLN A 100 -11.55 -26.28 15.30
C GLN A 100 -10.41 -27.22 14.91
N LEU A 101 -9.37 -26.67 14.30
CA LEU A 101 -8.18 -27.44 14.00
C LEU A 101 -7.37 -27.67 15.27
N GLY A 102 -6.70 -28.82 15.33
CA GLY A 102 -5.88 -29.15 16.47
C GLY A 102 -4.46 -29.52 16.08
N LEU A 103 -3.51 -28.65 16.41
CA LEU A 103 -2.09 -28.91 16.11
C LEU A 103 -1.49 -29.68 17.29
N ARG A 104 -1.47 -31.00 17.14
CA ARG A 104 -1.00 -31.90 18.20
C ARG A 104 0.49 -32.16 17.98
N MET A 105 1.33 -31.58 18.83
CA MET A 105 2.78 -31.67 18.70
C MET A 105 3.37 -32.38 19.91
N GLU A 106 4.45 -33.13 19.66
CA GLU A 106 5.16 -33.85 20.70
C GLU A 106 6.66 -33.60 20.56
N SER A 107 7.28 -33.20 21.66
CA SER A 107 8.72 -33.00 21.71
C SER A 107 9.38 -34.27 22.29
N LYS A 108 10.57 -34.10 22.88
CA LYS A 108 11.25 -35.24 23.46
C LYS A 108 10.49 -35.79 24.67
N THR A 109 10.13 -34.91 25.61
CA THR A 109 9.49 -35.32 26.85
C THR A 109 8.15 -34.64 27.10
N GLU A 110 7.66 -33.82 26.18
CA GLU A 110 6.46 -33.03 26.43
C GLU A 110 5.48 -33.20 25.28
N LYS A 111 4.23 -32.80 25.54
CA LYS A 111 3.14 -32.84 24.58
C LYS A 111 2.40 -31.51 24.59
N TRP A 112 1.79 -31.16 23.47
CA TRP A 112 1.02 -29.93 23.40
C TRP A 112 -0.04 -30.04 22.32
N MET A 113 -1.15 -29.33 22.54
CA MET A 113 -2.23 -29.22 21.56
C MET A 113 -2.57 -27.74 21.41
N GLU A 114 -2.53 -27.25 20.18
CA GLU A 114 -2.83 -25.85 19.87
C GLU A 114 -4.09 -25.77 19.02
N ARG A 115 -4.99 -24.87 19.39
CA ARG A 115 -6.27 -24.73 18.72
C ARG A 115 -6.24 -23.55 17.76
N ILE A 116 -6.64 -23.80 16.51
CA ILE A 116 -6.78 -22.76 15.50
C ILE A 116 -8.18 -22.84 14.93
N HIS A 117 -8.90 -21.73 14.94
CA HIS A 117 -10.25 -21.68 14.40
C HIS A 117 -10.21 -21.47 12.89
N LEU A 118 -10.85 -22.38 12.15
CA LEU A 118 -10.92 -22.31 10.70
C LEU A 118 -12.39 -22.16 10.30
N ALA A 119 -12.77 -20.97 9.85
CA ALA A 119 -14.15 -20.66 9.52
C ALA A 119 -14.31 -20.69 7.99
N VAL A 120 -14.91 -21.76 7.48
CA VAL A 120 -15.14 -21.93 6.05
C VAL A 120 -16.64 -21.78 5.80
N SER A 121 -17.01 -20.82 4.97
CA SER A 121 -18.39 -20.61 4.60
C SER A 121 -18.69 -21.30 3.26
N GLU A 122 -19.98 -21.57 3.02
CA GLU A 122 -20.37 -22.28 1.82
C GLU A 122 -20.13 -21.43 0.57
N ARG A 123 -20.59 -20.19 0.59
CA ARG A 123 -20.38 -19.24 -0.49
C ARG A 123 -19.33 -18.21 -0.09
N PRO A 124 -18.67 -17.58 -1.06
CA PRO A 124 -17.71 -16.51 -0.73
C PRO A 124 -18.39 -15.39 0.04
N PHE A 125 -17.82 -15.06 1.21
CA PHE A 125 -18.41 -14.02 2.02
C PHE A 125 -18.04 -12.63 1.48
N PRO A 126 -18.90 -11.64 1.70
CA PRO A 126 -18.63 -10.33 1.11
C PRO A 126 -17.50 -9.61 1.81
N PRO A 127 -16.82 -8.69 1.14
CA PRO A 127 -15.85 -7.83 1.84
C PRO A 127 -16.58 -6.77 2.64
N HIS A 128 -15.85 -5.81 3.19
CA HIS A 128 -16.46 -4.75 3.99
C HIS A 128 -15.91 -3.40 3.57
N ILE A 129 -16.80 -2.48 3.24
CA ILE A 129 -16.43 -1.10 2.93
C ILE A 129 -16.42 -0.30 4.22
N GLN A 130 -15.38 0.50 4.42
CA GLN A 130 -15.27 1.39 5.57
C GLN A 130 -15.32 2.82 5.07
N LEU A 131 -16.35 3.56 5.48
CA LEU A 131 -16.50 4.94 5.04
C LEU A 131 -15.97 5.89 6.09
N PRO A 132 -15.27 6.95 5.68
CA PRO A 132 -14.97 8.03 6.61
C PRO A 132 -16.25 8.70 7.06
N PRO A 133 -16.31 9.18 8.30
CA PRO A 133 -17.56 9.76 8.80
C PRO A 133 -18.02 11.00 8.04
N GLU A 134 -17.11 11.71 7.36
CA GLU A 134 -17.45 12.94 6.67
C GLU A 134 -16.93 12.88 5.23
N ILE A 135 -17.86 12.86 4.28
CA ILE A 135 -17.54 12.98 2.85
C ILE A 135 -18.26 14.20 2.31
N GLN A 136 -17.55 15.04 1.58
CA GLN A 136 -18.11 16.31 1.09
C GLN A 136 -17.64 16.55 -0.34
N GLU A 137 -18.47 17.28 -1.09
CA GLU A 137 -18.19 17.59 -2.48
C GLU A 137 -16.82 18.25 -2.64
N SER A 138 -16.09 17.81 -3.66
CA SER A 138 -14.79 18.39 -4.04
C SER A 138 -13.78 18.31 -2.89
N GLN A 139 -13.76 17.17 -2.20
CA GLN A 139 -12.78 16.89 -1.15
C GLN A 139 -12.36 15.44 -1.32
N GLU A 140 -11.09 15.23 -1.67
CA GLU A 140 -10.61 13.87 -1.93
C GLU A 140 -10.74 13.00 -0.69
N VAL A 141 -11.33 11.82 -0.86
CA VAL A 141 -11.59 10.89 0.23
C VAL A 141 -11.04 9.52 -0.17
N THR A 142 -10.46 8.81 0.78
CA THR A 142 -10.00 7.44 0.58
C THR A 142 -11.07 6.48 1.08
N LEU A 143 -11.55 5.60 0.19
CA LEU A 143 -12.48 4.55 0.54
C LEU A 143 -11.71 3.25 0.69
N THR A 144 -11.97 2.51 1.76
CA THR A 144 -11.25 1.29 2.07
C THR A 144 -12.20 0.11 1.98
N CYS A 145 -11.77 -0.95 1.28
CA CYS A 145 -12.51 -2.20 1.19
C CYS A 145 -11.62 -3.31 1.76
N LEU A 146 -12.10 -3.98 2.79
CA LEU A 146 -11.35 -5.01 3.49
C LEU A 146 -12.00 -6.37 3.30
N LEU A 147 -11.16 -7.40 3.14
CA LEU A 147 -11.62 -8.79 3.07
C LEU A 147 -10.73 -9.62 3.97
N ALA A 148 -11.34 -10.33 4.92
CA ALA A 148 -10.58 -11.14 5.86
C ALA A 148 -10.13 -12.46 5.23
N PHE A 149 -9.49 -12.38 4.07
CA PHE A 149 -9.06 -13.57 3.35
C PHE A 149 -7.88 -13.23 2.45
N SER A 150 -6.93 -14.17 2.34
CA SER A 150 -5.84 -14.10 1.39
C SER A 150 -5.09 -15.43 1.37
N CYS A 151 -5.02 -16.07 0.21
CA CYS A 151 -4.32 -17.33 0.05
C CYS A 151 -3.63 -17.35 -1.30
N TYR A 152 -2.34 -17.75 -1.29
CA TYR A 152 -1.54 -17.70 -2.51
C TYR A 152 -2.14 -18.53 -3.63
N GLY A 153 -2.64 -19.72 -3.29
CA GLY A 153 -3.17 -20.63 -4.30
C GLY A 153 -4.46 -20.20 -4.96
N TYR A 154 -5.07 -19.11 -4.48
CA TYR A 154 -6.35 -18.64 -5.02
C TYR A 154 -6.32 -17.12 -5.05
N PRO A 155 -5.67 -16.53 -6.07
CA PRO A 155 -5.63 -15.07 -6.17
C PRO A 155 -7.02 -14.49 -6.44
N ILE A 156 -7.23 -13.28 -5.92
CA ILE A 156 -8.49 -12.57 -6.03
C ILE A 156 -8.20 -11.11 -6.37
N GLN A 157 -9.28 -10.34 -6.53
CA GLN A 157 -9.15 -8.91 -6.79
C GLN A 157 -10.39 -8.21 -6.25
N LEU A 158 -10.23 -6.93 -5.93
CA LEU A 158 -11.32 -6.11 -5.39
C LEU A 158 -11.62 -4.98 -6.37
N GLN A 159 -12.84 -4.98 -6.90
CA GLN A 159 -13.24 -4.06 -7.96
C GLN A 159 -14.23 -3.03 -7.40
N TRP A 160 -13.92 -1.76 -7.61
CA TRP A 160 -14.79 -0.67 -7.19
C TRP A 160 -15.77 -0.32 -8.30
N LEU A 161 -17.03 -0.10 -7.91
CA LEU A 161 -18.09 0.23 -8.84
C LEU A 161 -18.86 1.45 -8.37
N LEU A 162 -19.24 2.30 -9.31
CA LEU A 162 -20.11 3.45 -9.06
C LEU A 162 -21.37 3.28 -9.88
N GLU A 163 -22.48 2.98 -9.21
CA GLU A 163 -23.76 2.71 -9.87
C GLU A 163 -23.62 1.56 -10.87
N GLY A 164 -22.94 0.51 -10.43
CA GLY A 164 -22.71 -0.66 -11.27
C GLY A 164 -21.70 -0.49 -12.37
N VAL A 165 -21.04 0.66 -12.44
CA VAL A 165 -20.05 0.95 -13.49
C VAL A 165 -18.68 0.97 -12.85
N PRO A 166 -17.69 0.26 -13.41
CA PRO A 166 -16.34 0.30 -12.84
C PRO A 166 -15.80 1.72 -12.80
N MET A 167 -15.15 2.05 -11.68
CA MET A 167 -14.60 3.39 -11.47
C MET A 167 -13.21 3.48 -12.10
N ARG A 168 -12.94 4.64 -12.72
CA ARG A 168 -11.68 4.85 -13.42
C ARG A 168 -10.54 5.24 -12.50
N GLN A 169 -10.83 5.64 -11.27
CA GLN A 169 -9.77 6.02 -10.34
C GLN A 169 -8.93 4.81 -9.97
N ALA A 170 -7.63 5.03 -9.81
CA ALA A 170 -6.73 3.94 -9.44
C ALA A 170 -6.98 3.51 -8.01
N ALA A 171 -6.86 2.21 -7.76
CA ALA A 171 -7.09 1.63 -6.44
C ALA A 171 -5.86 0.84 -6.02
N VAL A 172 -5.26 1.22 -4.90
CA VAL A 172 -4.09 0.51 -4.38
C VAL A 172 -4.58 -0.73 -3.64
N THR A 173 -4.12 -1.90 -4.08
CA THR A 173 -4.52 -3.17 -3.48
C THR A 173 -3.33 -3.75 -2.74
N SER A 174 -3.50 -4.01 -1.44
CA SER A 174 -2.46 -4.58 -0.61
C SER A 174 -3.00 -5.83 0.09
N THR A 175 -2.10 -6.76 0.39
CA THR A 175 -2.44 -7.99 1.07
C THR A 175 -1.52 -8.20 2.26
N SER A 176 -2.04 -8.85 3.29
CA SER A 176 -1.25 -9.24 4.45
C SER A 176 -1.53 -10.71 4.76
N LEU A 177 -0.46 -11.47 5.00
CA LEU A 177 -0.56 -12.90 5.28
C LEU A 177 0.53 -13.24 6.30
N THR A 178 0.33 -12.79 7.54
CA THR A 178 1.29 -12.95 8.62
C THR A 178 0.60 -13.61 9.82
N ILE A 179 1.40 -13.88 10.86
CA ILE A 179 0.87 -14.50 12.07
C ILE A 179 -0.10 -13.60 12.81
N LYS A 180 -0.10 -12.30 12.51
CA LYS A 180 -0.94 -11.35 13.22
C LYS A 180 -2.27 -11.11 12.52
N SER A 181 -2.27 -11.02 11.20
CA SER A 181 -3.50 -10.71 10.47
C SER A 181 -3.40 -11.23 9.04
N VAL A 182 -4.54 -11.64 8.51
CA VAL A 182 -4.67 -12.11 7.13
C VAL A 182 -5.81 -11.35 6.49
N PHE A 183 -5.50 -10.53 5.48
CA PHE A 183 -6.54 -9.76 4.82
C PHE A 183 -6.09 -9.38 3.41
N THR A 184 -7.07 -8.88 2.64
CA THR A 184 -6.83 -8.19 1.39
C THR A 184 -7.46 -6.81 1.48
N ARG A 185 -6.69 -5.77 1.21
CA ARG A 185 -7.13 -4.39 1.34
C ARG A 185 -7.09 -3.68 0.01
N SER A 186 -8.10 -2.88 -0.26
CA SER A 186 -8.16 -2.04 -1.47
C SER A 186 -8.54 -0.63 -1.05
N GLU A 187 -7.70 0.34 -1.39
CA GLU A 187 -7.93 1.73 -1.08
C GLU A 187 -8.13 2.52 -2.38
N LEU A 188 -9.22 3.28 -2.45
CA LEU A 188 -9.56 4.07 -3.63
C LEU A 188 -9.62 5.54 -3.23
N LYS A 189 -8.93 6.39 -4.00
CA LYS A 189 -8.95 7.83 -3.80
C LYS A 189 -9.73 8.48 -4.92
N PHE A 190 -10.70 9.32 -4.56
CA PHE A 190 -11.48 10.03 -5.57
C PHE A 190 -12.09 11.26 -4.93
N SER A 191 -12.30 12.29 -5.75
CA SER A 191 -12.95 13.52 -5.32
C SER A 191 -14.40 13.50 -5.71
N PRO A 192 -15.34 13.38 -4.77
CA PRO A 192 -16.75 13.29 -5.14
C PRO A 192 -17.37 14.66 -5.43
N GLN A 193 -18.30 14.66 -6.37
CA GLN A 193 -19.13 15.82 -6.65
C GLN A 193 -20.51 15.65 -6.02
N TRP A 194 -21.28 16.74 -6.02
CA TRP A 194 -22.55 16.73 -5.31
C TRP A 194 -23.50 15.67 -5.84
N SER A 195 -23.40 15.34 -7.13
CA SER A 195 -24.29 14.34 -7.72
C SER A 195 -23.99 12.93 -7.24
N HIS A 196 -22.85 12.69 -6.60
CA HIS A 196 -22.55 11.39 -6.03
C HIS A 196 -23.35 11.12 -4.76
N HIS A 197 -24.02 12.13 -4.20
CA HIS A 197 -24.80 11.93 -2.99
C HIS A 197 -25.95 10.97 -3.26
N GLY A 198 -26.11 9.98 -2.38
CA GLY A 198 -27.17 9.00 -2.52
C GLY A 198 -26.89 7.89 -3.50
N LYS A 199 -25.85 8.01 -4.32
CA LYS A 199 -25.50 6.93 -5.24
C LYS A 199 -24.79 5.81 -4.51
N ILE A 200 -24.79 4.63 -5.13
CA ILE A 200 -24.29 3.41 -4.51
C ILE A 200 -22.88 3.15 -5.01
N VAL A 201 -21.98 2.83 -4.08
CA VAL A 201 -20.62 2.38 -4.39
C VAL A 201 -20.53 0.91 -4.00
N THR A 202 -20.00 0.09 -4.90
CA THR A 202 -19.92 -1.35 -4.70
C THR A 202 -18.47 -1.80 -4.75
N CYS A 203 -18.02 -2.50 -3.72
CA CYS A 203 -16.73 -3.20 -3.73
C CYS A 203 -17.01 -4.66 -4.04
N GLN A 204 -16.69 -5.07 -5.26
CA GLN A 204 -17.01 -6.40 -5.76
C GLN A 204 -15.78 -7.31 -5.66
N LEU A 205 -15.97 -8.47 -5.04
CA LEU A 205 -14.90 -9.46 -4.93
C LEU A 205 -14.94 -10.38 -6.13
N GLN A 206 -13.79 -10.54 -6.78
CA GLN A 206 -13.67 -11.33 -7.99
C GLN A 206 -12.49 -12.29 -7.88
N ASP A 207 -12.54 -13.37 -8.66
CA ASP A 207 -11.43 -14.31 -8.70
C ASP A 207 -10.38 -13.80 -9.68
N ALA A 208 -9.42 -14.66 -10.04
CA ALA A 208 -8.31 -14.22 -10.89
C ALA A 208 -8.78 -13.81 -12.28
N ASP A 209 -9.84 -14.43 -12.78
CA ASP A 209 -10.33 -14.17 -14.13
C ASP A 209 -11.42 -13.11 -14.19
N GLY A 210 -11.79 -12.52 -13.06
CA GLY A 210 -12.85 -11.53 -13.03
C GLY A 210 -14.22 -12.06 -12.76
N LYS A 211 -14.35 -13.35 -12.42
CA LYS A 211 -15.66 -13.91 -12.10
C LYS A 211 -16.16 -13.36 -10.78
N PHE A 212 -17.45 -13.04 -10.74
CA PHE A 212 -18.06 -12.48 -9.53
C PHE A 212 -18.12 -13.51 -8.42
N LEU A 213 -17.78 -13.08 -7.20
CA LEU A 213 -17.84 -13.93 -6.02
C LEU A 213 -18.75 -13.37 -4.95
N SER A 214 -18.60 -12.09 -4.61
CA SER A 214 -19.42 -11.44 -3.58
C SER A 214 -19.18 -9.94 -3.71
N ALA A 215 -19.93 -9.18 -2.92
CA ALA A 215 -19.81 -7.72 -2.99
C ALA A 215 -20.37 -7.11 -1.71
N ASP A 216 -19.94 -5.87 -1.46
CA ASP A 216 -20.50 -5.02 -0.42
C ASP A 216 -20.78 -3.66 -1.02
N THR A 217 -21.89 -3.04 -0.58
CA THR A 217 -22.32 -1.77 -1.13
C THR A 217 -22.60 -0.78 -0.02
N VAL A 218 -22.35 0.50 -0.30
CA VAL A 218 -22.67 1.58 0.62
C VAL A 218 -23.33 2.70 -0.18
N GLN A 219 -24.28 3.38 0.45
CA GLN A 219 -24.91 4.56 -0.13
C GLN A 219 -24.12 5.79 0.32
N LEU A 220 -23.58 6.53 -0.64
CA LEU A 220 -22.74 7.67 -0.30
C LEU A 220 -23.57 8.79 0.33
N ASN A 221 -22.94 9.50 1.26
CA ASN A 221 -23.51 10.68 1.89
C ASN A 221 -22.52 11.82 1.67
N VAL A 222 -22.74 12.61 0.63
CA VAL A 222 -21.83 13.66 0.22
C VAL A 222 -22.44 15.00 0.61
N LYS A 223 -21.84 15.66 1.59
CA LYS A 223 -22.28 16.98 1.99
C LYS A 223 -21.87 18.01 0.94
N HIS A 224 -22.74 19.00 0.72
CA HIS A 224 -22.48 20.01 -0.29
C HIS A 224 -23.36 21.23 -0.04
N THR A 225 -22.92 22.37 -0.56
CA THR A 225 -23.69 23.59 -0.48
C THR A 225 -24.96 23.47 -1.30
N PRO A 226 -26.00 24.25 -0.98
CA PRO A 226 -27.27 24.14 -1.72
C PRO A 226 -27.09 24.44 -3.20
N LYS A 227 -27.62 23.55 -4.03
CA LYS A 227 -27.71 23.76 -5.47
C LYS A 227 -29.08 24.35 -5.78
N LEU A 228 -29.09 25.49 -6.46
CA LEU A 228 -30.27 26.35 -6.52
C LEU A 228 -30.79 26.45 -7.94
N GLU A 229 -32.12 26.33 -8.08
CA GLU A 229 -32.83 26.62 -9.32
C GLU A 229 -33.62 27.91 -9.12
N ILE A 230 -33.46 28.85 -10.04
CA ILE A 230 -34.09 30.16 -9.95
C ILE A 230 -35.15 30.28 -11.05
N LYS A 231 -36.36 30.63 -10.66
CA LYS A 231 -37.48 30.74 -11.58
C LYS A 231 -38.12 32.11 -11.43
N VAL A 232 -38.32 32.79 -12.56
CA VAL A 232 -38.91 34.13 -12.59
C VAL A 232 -40.24 34.04 -13.34
N THR A 233 -41.26 34.72 -12.83
CA THR A 233 -42.60 34.44 -13.33
C THR A 233 -43.26 35.61 -14.07
N PRO A 234 -42.53 36.38 -14.87
CA PRO A 234 -43.04 36.76 -16.20
C PRO A 234 -42.43 35.91 -17.31
N SER A 235 -41.72 34.84 -16.92
CA SER A 235 -40.98 33.92 -17.77
C SER A 235 -39.69 34.54 -18.28
N ASP A 236 -39.64 35.87 -18.38
CA ASP A 236 -38.43 36.55 -18.84
C ASP A 236 -38.32 37.95 -18.23
N ALA A 237 -38.63 38.98 -19.03
CA ALA A 237 -38.49 40.35 -18.58
C ALA A 237 -39.39 41.29 -19.37
N ILE A 238 -40.69 41.30 -19.06
CA ILE A 238 -41.64 42.14 -19.77
C ILE A 238 -41.84 43.44 -19.00
N VAL A 239 -42.42 43.34 -17.80
CA VAL A 239 -42.80 44.45 -16.92
C VAL A 239 -43.24 45.70 -17.70
N ARG A 240 -42.30 46.35 -18.40
CA ARG A 240 -42.52 47.47 -19.32
C ARG A 240 -43.16 48.69 -18.66
N GLU A 241 -43.34 48.71 -17.34
CA GLU A 241 -43.95 49.87 -16.71
C GLU A 241 -43.58 50.01 -15.24
N GLY A 242 -43.60 48.90 -14.51
CA GLY A 242 -43.57 48.92 -13.06
C GLY A 242 -44.49 47.81 -12.58
N ASP A 243 -44.54 46.75 -13.39
CA ASP A 243 -45.46 45.63 -13.18
C ASP A 243 -45.05 44.86 -11.93
N SER A 244 -45.70 43.71 -11.73
CA SER A 244 -45.40 42.82 -10.62
C SER A 244 -44.62 41.62 -11.12
N VAL A 245 -43.49 41.33 -10.46
CA VAL A 245 -42.63 40.22 -10.84
C VAL A 245 -42.31 39.43 -9.58
N THR A 246 -42.46 38.11 -9.66
CA THR A 246 -42.10 37.21 -8.57
C THR A 246 -40.98 36.29 -9.01
N MET A 247 -39.99 36.12 -8.13
CA MET A 247 -38.86 35.23 -8.36
C MET A 247 -38.76 34.26 -7.21
N THR A 248 -38.57 32.98 -7.53
CA THR A 248 -38.47 31.94 -6.53
C THR A 248 -37.11 31.26 -6.58
N CYS A 249 -36.64 30.82 -5.42
CA CYS A 249 -35.37 30.13 -5.27
C CYS A 249 -35.68 28.69 -4.86
N GLU A 250 -35.40 27.73 -5.75
CA GLU A 250 -35.74 26.33 -5.53
C GLU A 250 -34.46 25.54 -5.31
N VAL A 251 -34.38 24.87 -4.17
CA VAL A 251 -33.21 24.06 -3.81
C VAL A 251 -33.34 22.71 -4.51
N SER A 252 -32.42 22.43 -5.43
CA SER A 252 -32.41 21.14 -6.11
C SER A 252 -31.84 20.05 -5.22
N SER A 253 -30.79 20.37 -4.46
CA SER A 253 -30.15 19.41 -3.56
C SER A 253 -29.39 20.18 -2.51
N SER A 254 -29.38 19.63 -1.29
CA SER A 254 -28.66 20.25 -0.18
C SER A 254 -28.46 19.22 0.92
N ASN A 255 -27.21 18.99 1.30
CA ASN A 255 -26.88 18.07 2.39
C ASN A 255 -25.80 18.70 3.27
N PRO A 256 -26.10 19.01 4.54
CA PRO A 256 -27.42 18.83 5.17
C PRO A 256 -28.44 19.88 4.75
N GLU A 257 -29.58 19.92 5.45
CA GLU A 257 -30.66 20.83 5.09
C GLU A 257 -30.19 22.28 5.15
N TYR A 258 -30.91 23.13 4.43
CA TYR A 258 -30.57 24.54 4.37
C TYR A 258 -30.78 25.20 5.74
N THR A 259 -30.25 26.41 5.87
CA THR A 259 -30.41 27.21 7.09
C THR A 259 -31.02 28.57 6.79
N THR A 260 -30.34 29.41 6.01
CA THR A 260 -30.81 30.74 5.68
C THR A 260 -30.91 30.92 4.17
N VAL A 261 -31.66 31.94 3.77
CA VAL A 261 -31.83 32.29 2.37
C VAL A 261 -31.79 33.81 2.25
N SER A 262 -31.16 34.30 1.18
CA SER A 262 -31.06 35.73 0.95
C SER A 262 -31.00 35.99 -0.55
N TRP A 263 -31.45 37.18 -0.94
CA TRP A 263 -31.46 37.59 -2.33
C TRP A 263 -30.44 38.70 -2.55
N LEU A 264 -29.76 38.65 -3.70
CA LEU A 264 -28.72 39.61 -4.05
C LEU A 264 -28.98 40.15 -5.44
N LYS A 265 -28.82 41.47 -5.61
CA LYS A 265 -28.97 42.07 -6.92
C LYS A 265 -27.66 41.99 -7.68
N ASP A 266 -27.13 43.14 -8.11
CA ASP A 266 -25.90 43.15 -8.87
C ASP A 266 -24.69 42.74 -8.02
N GLY A 267 -24.81 42.80 -6.70
CA GLY A 267 -23.72 42.40 -5.83
C GLY A 267 -24.08 42.32 -4.36
N THR A 268 -24.87 43.27 -3.88
CA THR A 268 -25.20 43.39 -2.47
C THR A 268 -26.54 42.74 -2.17
N SER A 269 -26.67 42.21 -0.96
CA SER A 269 -27.92 41.61 -0.51
C SER A 269 -29.04 42.65 -0.55
N LEU A 270 -30.27 42.16 -0.62
CA LEU A 270 -31.44 43.02 -0.74
C LEU A 270 -32.07 43.28 0.63
N LYS A 271 -33.01 44.22 0.65
CA LYS A 271 -33.60 44.73 1.88
C LYS A 271 -34.46 43.66 2.52
N LYS A 272 -33.94 43.03 3.58
CA LYS A 272 -34.70 42.10 4.42
C LYS A 272 -35.32 40.96 3.63
N GLN A 273 -34.72 40.61 2.49
CA GLN A 273 -35.25 39.53 1.64
C GLN A 273 -34.63 38.22 2.09
N ASN A 274 -35.17 37.69 3.18
CA ASN A 274 -34.71 36.45 3.79
C ASN A 274 -35.71 35.31 3.59
N THR A 275 -36.36 35.28 2.42
CA THR A 275 -37.33 34.25 2.09
C THR A 275 -37.05 33.73 0.69
N PHE A 276 -37.65 32.58 0.38
CA PHE A 276 -37.40 31.89 -0.88
C PHE A 276 -38.11 32.52 -2.06
N THR A 277 -38.90 33.58 -1.86
CA THR A 277 -39.61 34.24 -2.94
C THR A 277 -39.28 35.73 -2.92
N LEU A 278 -38.85 36.25 -4.06
CA LEU A 278 -38.56 37.68 -4.23
C LEU A 278 -39.74 38.31 -4.97
N ASN A 279 -40.45 39.20 -4.30
CA ASN A 279 -41.64 39.85 -4.85
C ASN A 279 -41.31 41.30 -5.17
N LEU A 280 -41.32 41.65 -6.45
CA LEU A 280 -41.16 43.01 -6.92
C LEU A 280 -42.52 43.54 -7.39
N ARG A 281 -42.87 44.74 -6.96
CA ARG A 281 -44.17 45.32 -7.28
C ARG A 281 -44.08 46.59 -8.10
N GLU A 282 -42.90 46.99 -8.54
CA GLU A 282 -42.73 48.24 -9.29
C GLU A 282 -41.62 48.11 -10.34
N GLN A 287 -34.56 49.46 -10.36
CA GLN A 287 -34.52 48.03 -10.08
C GLN A 287 -34.68 47.21 -11.37
N SER A 288 -33.58 47.01 -12.08
CA SER A 288 -33.61 46.29 -13.34
C SER A 288 -32.26 45.69 -13.68
N GLY A 289 -31.53 45.23 -12.68
CA GLY A 289 -30.21 44.65 -12.86
C GLY A 289 -30.25 43.13 -12.88
N LYS A 290 -29.10 42.54 -12.58
CA LYS A 290 -28.98 41.09 -12.50
C LYS A 290 -29.42 40.63 -11.11
N TYR A 291 -30.13 39.52 -11.04
CA TYR A 291 -30.67 39.00 -9.80
C TYR A 291 -30.27 37.54 -9.62
N CYS A 292 -30.05 37.16 -8.36
CA CYS A 292 -29.75 35.78 -8.00
C CYS A 292 -29.98 35.61 -6.51
N CYS A 293 -30.26 34.37 -6.10
CA CYS A 293 -30.51 34.04 -4.72
C CYS A 293 -29.34 33.26 -4.13
N GLN A 294 -29.27 33.26 -2.80
CA GLN A 294 -28.24 32.54 -2.07
C GLN A 294 -28.88 31.79 -0.91
N VAL A 295 -28.58 30.49 -0.82
CA VAL A 295 -29.06 29.65 0.27
C VAL A 295 -27.86 28.97 0.90
N SER A 296 -27.87 28.85 2.23
CA SER A 296 -26.73 28.31 2.97
C SER A 296 -27.16 27.10 3.78
N ASN A 297 -26.21 26.17 3.97
CA ASN A 297 -26.36 25.10 4.95
C ASN A 297 -25.12 25.01 5.83
N ASP A 298 -24.94 23.90 6.54
CA ASP A 298 -23.76 23.77 7.39
C ASP A 298 -22.47 23.74 6.59
N VAL A 299 -22.52 23.37 5.31
CA VAL A 299 -21.32 23.38 4.49
C VAL A 299 -20.93 24.79 4.10
N GLY A 300 -21.92 25.62 3.74
CA GLY A 300 -21.68 26.97 3.35
C GLY A 300 -22.75 27.51 2.41
N PRO A 301 -22.49 28.67 1.81
CA PRO A 301 -23.47 29.29 0.93
C PRO A 301 -23.39 28.79 -0.50
N GLY A 302 -24.55 28.73 -1.13
CA GLY A 302 -24.64 28.40 -2.55
C GLY A 302 -25.44 29.44 -3.29
N ARG A 303 -25.06 29.67 -4.54
CA ARG A 303 -25.66 30.72 -5.35
C ARG A 303 -26.39 30.10 -6.55
N SER A 304 -27.25 30.90 -7.17
CA SER A 304 -27.98 30.52 -8.36
C SER A 304 -27.48 31.32 -9.55
N GLU A 305 -27.95 30.94 -10.74
CA GLU A 305 -27.60 31.67 -11.95
C GLU A 305 -28.31 33.03 -11.97
N GLU A 306 -27.69 33.99 -12.66
CA GLU A 306 -28.22 35.34 -12.69
C GLU A 306 -29.35 35.47 -13.69
N VAL A 307 -30.36 36.25 -13.34
CA VAL A 307 -31.48 36.59 -14.21
C VAL A 307 -31.47 38.09 -14.42
N PHE A 308 -31.60 38.51 -15.67
CA PHE A 308 -31.53 39.92 -16.04
C PHE A 308 -32.94 40.40 -16.39
N LEU A 309 -33.47 41.31 -15.57
CA LEU A 309 -34.79 41.90 -15.78
C LEU A 309 -34.65 43.23 -16.51
N GLN A 310 -35.51 43.45 -17.50
CA GLN A 310 -35.44 44.62 -18.35
C GLN A 310 -36.81 45.26 -18.46
N VAL A 311 -36.82 46.59 -18.55
CA VAL A 311 -38.07 47.34 -18.72
C VAL A 311 -38.17 47.85 -20.15
N LYS B 7 8.32 -9.71 34.98
CA LYS B 7 6.96 -9.61 35.48
C LYS B 7 6.15 -8.60 34.66
N TRP B 8 6.60 -7.35 34.66
CA TRP B 8 5.96 -6.32 33.85
C TRP B 8 6.42 -6.41 32.40
N VAL B 9 5.54 -6.03 31.49
CA VAL B 9 5.78 -6.13 30.06
C VAL B 9 5.76 -4.73 29.46
N PHE B 10 6.72 -4.46 28.57
CA PHE B 10 6.79 -3.22 27.81
C PHE B 10 7.09 -3.57 26.35
N GLU B 11 6.25 -3.07 25.44
CA GLU B 11 6.41 -3.32 24.02
C GLU B 11 6.72 -2.00 23.31
N HIS B 12 7.87 -1.95 22.65
CA HIS B 12 8.33 -0.75 21.97
C HIS B 12 9.47 -1.16 21.04
N PRO B 13 9.77 -0.35 20.02
CA PRO B 13 10.96 -0.62 19.20
C PRO B 13 12.21 -0.60 20.07
N GLU B 14 13.12 -1.54 19.81
CA GLU B 14 14.32 -1.65 20.63
C GLU B 14 15.19 -0.41 20.48
N THR B 15 15.30 0.13 19.27
CA THR B 15 16.08 1.33 19.01
C THR B 15 15.25 2.27 18.16
N LEU B 16 15.24 3.55 18.53
CA LEU B 16 14.59 4.59 17.75
C LEU B 16 15.64 5.56 17.24
N TYR B 17 15.55 5.88 15.95
CA TYR B 17 16.56 6.68 15.27
C TYR B 17 16.01 8.06 14.93
N ALA B 18 16.91 9.03 14.91
CA ALA B 18 16.60 10.42 14.56
C ALA B 18 17.93 11.14 14.36
N TRP B 19 17.84 12.41 13.97
CA TRP B 19 19.01 13.25 13.81
C TRP B 19 18.79 14.57 14.53
N GLU B 20 19.85 15.38 14.58
CA GLU B 20 19.77 16.68 15.24
C GLU B 20 18.77 17.58 14.54
N GLY B 21 17.88 18.18 15.32
CA GLY B 21 16.90 19.12 14.80
C GLY B 21 15.56 18.53 14.45
N ALA B 22 15.47 17.22 14.31
CA ALA B 22 14.20 16.56 14.04
C ALA B 22 13.50 16.25 15.36
N CYS B 23 12.52 15.34 15.34
CA CYS B 23 11.84 14.89 16.55
C CYS B 23 11.85 13.36 16.58
N VAL B 24 11.56 12.81 17.75
CA VAL B 24 11.40 11.37 17.92
C VAL B 24 10.04 11.11 18.55
N TRP B 25 9.41 10.02 18.12
CA TRP B 25 8.07 9.64 18.57
C TRP B 25 8.13 8.15 18.93
N ILE B 26 8.05 7.84 20.22
CA ILE B 26 8.32 6.49 20.70
C ILE B 26 7.03 5.74 20.97
N PRO B 27 6.60 4.84 20.08
CA PRO B 27 5.42 4.03 20.37
C PRO B 27 5.70 3.06 21.50
N CYS B 28 4.73 2.92 22.40
CA CYS B 28 4.98 2.18 23.63
C CYS B 28 3.65 1.74 24.25
N THR B 29 3.53 0.44 24.51
CA THR B 29 2.46 -0.11 25.33
C THR B 29 3.07 -0.92 26.46
N TYR B 30 2.28 -1.19 27.48
CA TYR B 30 2.79 -1.89 28.66
C TYR B 30 1.63 -2.48 29.45
N ARG B 31 1.99 -3.16 30.54
CA ARG B 31 1.01 -3.73 31.46
C ARG B 31 1.68 -3.86 32.82
N ALA B 32 1.21 -3.08 33.80
CA ALA B 32 1.74 -3.11 35.15
C ALA B 32 0.84 -3.95 36.03
N LEU B 33 1.42 -4.90 36.75
CA LEU B 33 0.68 -5.88 37.54
C LEU B 33 0.48 -5.46 38.99
N ASP B 34 0.79 -4.22 39.34
CA ASP B 34 0.73 -3.77 40.73
C ASP B 34 -0.03 -2.46 40.85
N GLY B 35 -1.16 -2.37 40.16
CA GLY B 35 -1.98 -1.17 40.20
C GLY B 35 -1.56 -0.14 39.16
N ASP B 36 -2.40 0.89 39.03
CA ASP B 36 -2.13 1.95 38.07
C ASP B 36 -0.89 2.74 38.49
N LEU B 37 -0.39 3.54 37.54
CA LEU B 37 0.83 4.30 37.76
C LEU B 37 0.58 5.50 38.66
N GLU B 38 1.63 5.88 39.39
CA GLU B 38 1.60 7.07 40.23
C GLU B 38 2.63 8.11 39.82
N SER B 39 3.78 7.71 39.31
CA SER B 39 4.81 8.65 38.90
C SER B 39 5.55 8.11 37.69
N PHE B 40 6.09 9.02 36.89
CA PHE B 40 6.86 8.69 35.69
C PHE B 40 8.02 9.67 35.57
N ILE B 41 9.23 9.12 35.45
CA ILE B 41 10.44 9.91 35.29
C ILE B 41 11.22 9.37 34.11
N LEU B 42 11.60 10.24 33.18
CA LEU B 42 12.38 9.86 32.02
C LEU B 42 13.84 10.23 32.27
N PHE B 43 14.67 9.24 32.51
CA PHE B 43 16.10 9.44 32.72
C PHE B 43 16.85 9.37 31.39
N HIS B 44 17.96 10.11 31.33
CA HIS B 44 18.91 9.99 30.23
C HIS B 44 20.18 9.37 30.80
N ASN B 45 20.49 8.14 30.36
CA ASN B 45 21.60 7.35 30.86
C ASN B 45 21.55 7.27 32.38
N PRO B 46 20.61 6.54 32.96
CA PRO B 46 20.58 6.38 34.41
C PRO B 46 21.58 5.33 34.87
N GLU B 47 22.06 5.51 36.11
CA GLU B 47 22.99 4.59 36.74
C GLU B 47 22.50 4.30 38.14
N TYR B 48 22.19 3.04 38.42
CA TYR B 48 21.67 2.67 39.74
C TYR B 48 22.76 2.80 40.79
N ASN B 49 22.45 3.52 41.87
CA ASN B 49 23.36 3.72 42.98
C ASN B 49 23.01 2.72 44.09
N LYS B 50 23.85 1.70 44.26
CA LYS B 50 23.57 0.66 45.25
C LYS B 50 23.56 1.20 46.68
N ALA B 51 24.22 2.33 46.92
CA ALA B 51 24.25 2.92 48.25
C ALA B 51 22.90 3.50 48.63
N THR B 52 22.48 4.57 47.94
CA THR B 52 21.20 5.19 48.21
C THR B 52 20.02 4.36 47.72
N SER B 53 20.27 3.28 46.97
CA SER B 53 19.22 2.39 46.47
C SER B 53 18.24 3.15 45.58
N LYS B 54 18.75 4.09 44.79
CA LYS B 54 17.93 4.90 43.91
C LYS B 54 18.67 5.11 42.59
N PHE B 55 17.96 5.64 41.61
CA PHE B 55 18.53 5.93 40.30
C PHE B 55 19.01 7.39 40.25
N ASP B 56 20.16 7.59 39.61
CA ASP B 56 20.73 8.92 39.42
C ASP B 56 20.85 9.22 37.92
N GLY B 57 21.10 10.47 37.61
CA GLY B 57 21.30 10.90 36.24
C GLY B 57 20.34 12.01 35.84
N THR B 58 20.58 12.51 34.63
CA THR B 58 19.78 13.61 34.09
C THR B 58 18.34 13.15 33.86
N ARG B 59 17.39 14.01 34.23
CA ARG B 59 15.97 13.73 34.11
C ARG B 59 15.36 14.68 33.09
N LEU B 60 14.88 14.13 31.97
CA LEU B 60 14.27 14.92 30.92
C LEU B 60 12.78 15.17 31.14
N TYR B 61 12.14 14.38 32.01
CA TYR B 61 10.72 14.53 32.28
C TYR B 61 10.44 14.05 33.69
N GLU B 62 9.52 14.74 34.38
CA GLU B 62 9.10 14.36 35.72
C GLU B 62 7.59 14.46 35.80
N SER B 63 6.94 13.41 36.28
CA SER B 63 5.48 13.43 36.41
C SER B 63 5.01 14.47 37.42
N THR B 64 5.88 14.88 38.34
CA THR B 64 5.50 15.89 39.33
C THR B 64 5.68 17.30 38.75
N LYS B 65 6.90 17.64 38.34
CA LYS B 65 7.19 18.96 37.81
C LYS B 65 6.59 19.14 36.42
N ASP B 66 7.12 18.43 35.42
CA ASP B 66 6.62 18.50 34.06
C ASP B 66 5.19 17.97 33.96
N GLU B 72 2.17 21.92 26.38
CA GLU B 72 2.30 21.99 24.94
C GLU B 72 3.61 22.67 24.55
N GLN B 73 4.11 23.51 25.44
CA GLN B 73 5.39 24.21 25.24
C GLN B 73 6.57 23.40 25.76
N LYS B 74 6.36 22.14 26.11
CA LYS B 74 7.41 21.30 26.65
C LYS B 74 8.16 20.59 25.53
N ARG B 75 9.48 20.50 25.68
CA ARG B 75 10.28 19.78 24.70
C ARG B 75 10.01 18.27 24.78
N VAL B 76 9.97 17.74 25.99
CA VAL B 76 9.63 16.33 26.23
C VAL B 76 8.20 16.27 26.74
N GLN B 77 7.42 15.34 26.19
CA GLN B 77 6.02 15.18 26.58
C GLN B 77 5.69 13.70 26.69
N PHE B 78 4.77 13.40 27.62
CA PHE B 78 4.26 12.05 27.81
C PHE B 78 2.86 11.96 27.23
N LEU B 79 2.68 11.07 26.25
CA LEU B 79 1.42 10.96 25.54
C LEU B 79 0.61 9.74 25.91
N GLY B 80 0.99 9.02 26.98
CA GLY B 80 0.32 7.81 27.39
C GLY B 80 -0.62 8.03 28.56
N ASP B 81 -1.05 6.92 29.15
CA ASP B 81 -1.92 6.96 30.32
C ASP B 81 -1.31 6.23 31.50
N LYS B 82 -2.12 5.52 32.28
CA LYS B 82 -1.67 4.92 33.53
C LYS B 82 -1.83 3.40 33.57
N ASN B 83 -2.04 2.75 32.41
CA ASN B 83 -2.25 1.31 32.44
C ASN B 83 -2.04 0.60 31.11
N LYS B 84 -1.73 1.35 30.04
CA LYS B 84 -1.65 0.70 28.73
C LYS B 84 -0.74 1.42 27.74
N ASN B 85 -0.66 2.75 27.84
CA ASN B 85 0.05 3.57 26.86
C ASN B 85 1.20 4.29 27.54
N CYS B 86 2.40 4.14 26.98
CA CYS B 86 3.61 4.79 27.48
C CYS B 86 4.33 5.56 26.38
N THR B 87 3.58 6.09 25.42
CA THR B 87 4.17 6.74 24.25
C THR B 87 4.86 8.03 24.65
N LEU B 88 6.11 8.19 24.23
CA LEU B 88 6.91 9.37 24.52
C LEU B 88 7.05 10.24 23.28
N SER B 89 7.52 11.47 23.49
CA SER B 89 7.67 12.43 22.42
C SER B 89 8.73 13.46 22.81
N ILE B 90 9.73 13.63 21.95
CA ILE B 90 10.78 14.64 22.12
C ILE B 90 10.79 15.47 20.85
N HIS B 91 10.40 16.74 20.97
CA HIS B 91 10.27 17.61 19.82
C HIS B 91 10.71 19.04 20.17
N PRO B 92 11.88 19.49 19.70
CA PRO B 92 12.80 18.72 18.85
C PRO B 92 13.77 17.85 19.65
N VAL B 93 14.32 16.82 19.01
CA VAL B 93 15.32 15.96 19.62
C VAL B 93 16.70 16.49 19.25
N HIS B 94 17.66 16.28 20.15
CA HIS B 94 19.00 16.80 19.99
C HIS B 94 20.03 15.70 20.12
N LEU B 95 21.27 16.04 19.78
CA LEU B 95 22.37 15.06 19.81
C LEU B 95 22.66 14.57 21.22
N ALA B 96 22.43 15.40 22.24
CA ALA B 96 22.67 15.01 23.61
C ALA B 96 21.62 14.04 24.14
N ASP B 97 20.44 14.00 23.52
CA ASP B 97 19.43 13.02 23.89
C ASP B 97 19.81 11.59 23.48
N SER B 98 20.87 11.43 22.69
CA SER B 98 21.25 10.11 22.21
C SER B 98 21.91 9.32 23.33
N GLY B 99 21.45 8.09 23.52
CA GLY B 99 21.97 7.23 24.57
C GLY B 99 20.98 6.18 24.99
N GLN B 100 20.88 5.92 26.29
CA GLN B 100 19.97 4.93 26.85
C GLN B 100 18.95 5.64 27.72
N LEU B 101 17.70 5.71 27.23
CA LEU B 101 16.63 6.33 27.98
C LEU B 101 16.12 5.39 29.06
N GLY B 102 15.70 5.96 30.18
CA GLY B 102 15.20 5.17 31.29
C GLY B 102 13.80 5.54 31.74
N LEU B 103 12.82 4.72 31.38
CA LEU B 103 11.44 4.95 31.77
C LEU B 103 11.24 4.43 33.19
N ARG B 104 11.38 5.33 34.16
CA ARG B 104 11.27 4.98 35.58
C ARG B 104 9.84 5.23 36.04
N MET B 105 9.14 4.16 36.39
CA MET B 105 7.74 4.23 36.80
C MET B 105 7.55 3.60 38.17
N GLU B 106 6.55 4.10 38.89
CA GLU B 106 6.24 3.62 40.24
C GLU B 106 4.74 3.50 40.42
N SER B 107 4.32 2.39 41.00
CA SER B 107 2.93 2.23 41.43
C SER B 107 2.85 2.49 42.93
N LYS B 108 1.90 1.84 43.62
CA LYS B 108 1.81 2.04 45.05
C LYS B 108 2.85 1.22 45.80
N THR B 109 3.03 -0.04 45.42
CA THR B 109 3.94 -0.95 46.09
C THR B 109 5.22 -1.23 45.30
N GLU B 110 5.12 -1.35 43.98
CA GLU B 110 6.24 -1.75 43.15
C GLU B 110 6.78 -0.59 42.32
N LYS B 111 7.96 -0.82 41.75
CA LYS B 111 8.63 0.14 40.87
C LYS B 111 9.09 -0.59 39.62
N TRP B 112 9.48 0.19 38.60
CA TRP B 112 10.00 -0.42 37.38
C TRP B 112 10.85 0.61 36.64
N MET B 113 11.88 0.10 35.97
CA MET B 113 12.72 0.89 35.09
C MET B 113 12.76 0.19 33.72
N GLU B 114 12.46 0.94 32.67
CA GLU B 114 12.44 0.40 31.31
C GLU B 114 13.46 1.16 30.47
N ARG B 115 14.24 0.41 29.69
CA ARG B 115 15.28 1.00 28.84
C ARG B 115 14.79 1.07 27.41
N ILE B 116 15.06 2.21 26.76
CA ILE B 116 14.77 2.42 25.35
C ILE B 116 16.01 3.06 24.72
N HIS B 117 16.53 2.43 23.67
CA HIS B 117 17.71 2.95 22.99
C HIS B 117 17.31 4.08 22.04
N LEU B 118 17.99 5.22 22.18
CA LEU B 118 17.77 6.37 21.32
C LEU B 118 19.06 6.72 20.61
N ALA B 119 19.06 6.61 19.28
CA ALA B 119 20.24 6.88 18.46
C ALA B 119 19.98 8.16 17.67
N VAL B 120 20.64 9.24 18.06
CA VAL B 120 20.48 10.54 17.42
C VAL B 120 21.82 10.90 16.78
N SER B 121 21.85 10.95 15.46
CA SER B 121 23.05 11.33 14.72
C SER B 121 23.08 12.84 14.50
N GLU B 122 24.29 13.36 14.24
CA GLU B 122 24.45 14.80 14.10
C GLU B 122 23.82 15.31 12.81
N ARG B 123 23.92 14.56 11.73
CA ARG B 123 23.31 14.87 10.45
C ARG B 123 22.27 13.81 10.10
N PRO B 124 21.35 14.12 9.19
CA PRO B 124 20.39 13.10 8.76
C PRO B 124 21.09 11.92 8.10
N PHE B 125 20.76 10.71 8.56
CA PHE B 125 21.33 9.50 7.98
C PHE B 125 20.56 9.13 6.70
N PRO B 126 21.24 8.48 5.75
CA PRO B 126 20.63 8.25 4.44
C PRO B 126 19.58 7.15 4.50
N PRO B 127 18.64 7.14 3.55
CA PRO B 127 17.74 5.99 3.42
C PRO B 127 18.43 4.84 2.70
N HIS B 128 17.69 3.79 2.35
CA HIS B 128 18.27 2.65 1.66
C HIS B 128 17.33 2.18 0.56
N ILE B 129 17.88 1.97 -0.63
CA ILE B 129 17.12 1.45 -1.76
C ILE B 129 17.28 -0.06 -1.80
N GLN B 130 16.15 -0.77 -1.89
CA GLN B 130 16.14 -2.22 -2.03
C GLN B 130 15.67 -2.56 -3.43
N LEU B 131 16.53 -3.22 -4.20
CA LEU B 131 16.29 -3.63 -5.58
C LEU B 131 15.98 -5.11 -5.66
N PRO B 132 15.05 -5.50 -6.53
CA PRO B 132 14.87 -6.93 -6.80
C PRO B 132 16.13 -7.52 -7.39
N PRO B 133 16.43 -8.78 -7.09
CA PRO B 133 17.69 -9.37 -7.57
C PRO B 133 17.78 -9.44 -9.08
N GLU B 134 16.67 -9.61 -9.78
CA GLU B 134 16.66 -9.72 -11.24
C GLU B 134 15.69 -8.69 -11.79
N ILE B 135 16.22 -7.65 -12.43
CA ILE B 135 15.44 -6.66 -13.14
C ILE B 135 15.70 -6.84 -14.63
N GLN B 136 14.64 -7.03 -15.41
CA GLN B 136 14.78 -7.22 -16.84
C GLN B 136 13.76 -6.38 -17.59
N GLU B 137 14.03 -6.19 -18.88
CA GLU B 137 13.27 -5.23 -19.68
C GLU B 137 11.81 -5.62 -19.79
N SER B 138 10.94 -4.60 -19.73
CA SER B 138 9.50 -4.76 -19.94
C SER B 138 8.91 -5.76 -18.95
N GLN B 139 9.32 -5.66 -17.69
CA GLN B 139 8.88 -6.55 -16.62
C GLN B 139 8.74 -5.71 -15.36
N GLU B 140 7.50 -5.39 -15.01
CA GLU B 140 7.24 -4.42 -13.95
C GLU B 140 7.90 -4.82 -12.64
N VAL B 141 8.66 -3.90 -12.06
CA VAL B 141 9.34 -4.10 -10.79
C VAL B 141 8.97 -2.97 -9.85
N THR B 142 9.17 -3.21 -8.56
CA THR B 142 8.94 -2.21 -7.53
C THR B 142 10.28 -1.83 -6.91
N LEU B 143 10.60 -0.55 -6.96
CA LEU B 143 11.77 -0.01 -6.28
C LEU B 143 11.34 0.50 -4.90
N THR B 144 11.97 0.00 -3.85
CA THR B 144 11.62 0.37 -2.49
C THR B 144 12.72 1.25 -1.89
N CYS B 145 12.31 2.31 -1.21
CA CYS B 145 13.22 3.18 -0.46
C CYS B 145 12.76 3.23 0.99
N LEU B 146 13.61 2.78 1.90
CA LEU B 146 13.27 2.66 3.31
C LEU B 146 14.14 3.60 4.13
N LEU B 147 13.52 4.19 5.16
CA LEU B 147 14.22 5.05 6.11
C LEU B 147 13.70 4.71 7.51
N ALA B 148 14.63 4.44 8.43
CA ALA B 148 14.27 4.05 9.79
C ALA B 148 13.97 5.29 10.65
N PHE B 149 13.00 6.07 10.19
CA PHE B 149 12.60 7.28 10.89
C PHE B 149 11.20 7.68 10.47
N SER B 150 10.43 8.17 11.44
CA SER B 150 9.12 8.79 11.20
C SER B 150 8.64 9.46 12.48
N CYS B 151 8.30 10.74 12.38
CA CYS B 151 7.82 11.51 13.54
C CYS B 151 6.86 12.58 13.04
N TYR B 152 5.69 12.66 13.69
CA TYR B 152 4.64 13.56 13.20
C TYR B 152 5.10 15.00 13.18
N GLY B 153 5.84 15.43 14.20
CA GLY B 153 6.30 16.80 14.28
C GLY B 153 7.32 17.21 13.23
N TYR B 154 7.80 16.28 12.41
CA TYR B 154 8.80 16.57 11.39
C TYR B 154 8.46 15.79 10.13
N PRO B 155 7.47 16.26 9.37
CA PRO B 155 7.08 15.53 8.16
C PRO B 155 8.18 15.56 7.11
N ILE B 156 8.39 14.42 6.46
CA ILE B 156 9.44 14.24 5.47
C ILE B 156 8.83 13.66 4.20
N GLN B 157 9.61 13.66 3.13
CA GLN B 157 9.21 13.07 1.87
C GLN B 157 10.41 12.38 1.24
N LEU B 158 10.13 11.41 0.37
CA LEU B 158 11.14 10.63 -0.32
C LEU B 158 10.93 10.79 -1.83
N GLN B 159 11.91 11.38 -2.50
CA GLN B 159 11.82 11.68 -3.93
C GLN B 159 12.74 10.76 -4.72
N TRP B 160 12.21 10.23 -5.82
CA TRP B 160 12.96 9.36 -6.72
C TRP B 160 13.53 10.18 -7.87
N LEU B 161 14.81 9.98 -8.18
CA LEU B 161 15.46 10.66 -9.29
C LEU B 161 16.14 9.66 -10.20
N LEU B 162 15.99 9.87 -11.50
CA LEU B 162 16.66 9.06 -12.52
C LEU B 162 17.62 9.97 -13.29
N GLU B 163 18.91 9.65 -13.23
CA GLU B 163 19.95 10.45 -13.88
C GLU B 163 19.93 11.90 -13.40
N GLY B 164 19.67 12.08 -12.11
CA GLY B 164 19.63 13.41 -11.52
C GLY B 164 18.36 14.20 -11.80
N VAL B 165 17.34 13.56 -12.35
CA VAL B 165 16.10 14.25 -12.71
C VAL B 165 14.94 13.51 -12.04
N PRO B 166 13.96 14.21 -11.46
CA PRO B 166 12.83 13.52 -10.82
C PRO B 166 12.11 12.60 -11.80
N MET B 167 11.71 11.44 -11.29
CA MET B 167 11.06 10.43 -12.12
C MET B 167 9.57 10.74 -12.27
N ARG B 168 9.03 10.44 -13.46
CA ARG B 168 7.64 10.74 -13.76
C ARG B 168 6.67 9.76 -13.11
N GLN B 169 7.11 8.53 -12.87
CA GLN B 169 6.22 7.51 -12.32
C GLN B 169 5.80 7.88 -10.89
N ALA B 170 4.55 7.55 -10.55
CA ALA B 170 4.06 7.82 -9.22
C ALA B 170 4.64 6.85 -8.21
N ALA B 171 4.96 7.36 -7.03
CA ALA B 171 5.49 6.56 -5.94
C ALA B 171 4.55 6.66 -4.74
N VAL B 172 4.25 5.52 -4.14
CA VAL B 172 3.37 5.47 -2.97
C VAL B 172 4.22 5.50 -1.72
N THR B 173 4.00 6.50 -0.88
CA THR B 173 4.73 6.66 0.37
C THR B 173 3.86 6.22 1.54
N SER B 174 4.42 5.37 2.41
CA SER B 174 3.72 4.90 3.59
C SER B 174 4.66 4.94 4.78
N THR B 175 4.08 5.12 5.97
CA THR B 175 4.83 5.14 7.21
C THR B 175 4.29 4.09 8.17
N SER B 176 5.12 3.73 9.15
CA SER B 176 4.73 2.83 10.22
C SER B 176 5.22 3.41 11.53
N LEU B 177 4.28 3.62 12.47
CA LEU B 177 4.60 4.21 13.77
C LEU B 177 4.00 3.33 14.88
N THR B 178 4.44 2.08 14.90
CA THR B 178 3.91 1.08 15.83
C THR B 178 4.98 0.68 16.83
N ILE B 179 4.54 -0.02 17.88
CA ILE B 179 5.44 -0.54 18.90
C ILE B 179 6.40 -1.57 18.34
N LYS B 180 6.20 -2.02 17.10
CA LYS B 180 7.07 -3.01 16.48
C LYS B 180 8.21 -2.37 15.71
N SER B 181 7.92 -1.35 14.91
CA SER B 181 8.94 -0.72 14.08
C SER B 181 8.49 0.68 13.70
N VAL B 182 9.47 1.56 13.49
CA VAL B 182 9.25 2.93 13.04
C VAL B 182 10.05 3.13 11.75
N PHE B 183 9.34 3.36 10.64
CA PHE B 183 10.02 3.57 9.37
C PHE B 183 9.13 4.39 8.45
N THR B 184 9.74 4.90 7.38
CA THR B 184 9.04 5.53 6.27
C THR B 184 9.43 4.78 5.00
N ARG B 185 8.43 4.41 4.21
CA ARG B 185 8.64 3.57 3.03
C ARG B 185 8.08 4.24 1.80
N SER B 186 8.84 4.18 0.71
CA SER B 186 8.40 4.66 -0.60
C SER B 186 8.60 3.56 -1.61
N GLU B 187 7.57 3.29 -2.41
CA GLU B 187 7.61 2.23 -3.42
C GLU B 187 7.24 2.81 -4.77
N LEU B 188 8.12 2.59 -5.75
CA LEU B 188 7.90 3.07 -7.11
C LEU B 188 7.80 1.87 -8.04
N LYS B 189 6.71 1.79 -8.80
CA LYS B 189 6.49 0.74 -9.78
C LYS B 189 6.67 1.32 -11.18
N PHE B 190 7.41 0.62 -12.02
CA PHE B 190 7.62 1.05 -13.40
C PHE B 190 8.11 -0.13 -14.21
N SER B 191 7.86 -0.07 -15.51
CA SER B 191 8.33 -1.10 -16.44
C SER B 191 9.68 -0.68 -17.00
N PRO B 192 10.76 -1.42 -16.73
CA PRO B 192 12.08 -1.00 -17.21
C PRO B 192 12.24 -1.22 -18.71
N GLN B 193 12.79 -0.22 -19.37
CA GLN B 193 13.28 -0.37 -20.74
C GLN B 193 14.75 -0.77 -20.71
N TRP B 194 15.27 -1.14 -21.88
CA TRP B 194 16.71 -1.41 -21.97
C TRP B 194 17.53 -0.15 -21.73
N SER B 195 16.92 1.03 -21.88
CA SER B 195 17.64 2.28 -21.66
C SER B 195 18.02 2.46 -20.19
N HIS B 196 17.22 1.93 -19.27
CA HIS B 196 17.50 2.10 -17.86
C HIS B 196 18.76 1.37 -17.40
N HIS B 197 19.26 0.43 -18.19
CA HIS B 197 20.45 -0.30 -17.80
C HIS B 197 21.64 0.64 -17.67
N GLY B 198 22.28 0.61 -16.50
CA GLY B 198 23.42 1.45 -16.24
C GLY B 198 23.09 2.85 -15.75
N LYS B 199 21.81 3.24 -15.76
CA LYS B 199 21.44 4.56 -15.29
C LYS B 199 21.38 4.58 -13.76
N ILE B 200 21.46 5.79 -13.21
CA ILE B 200 21.52 6.01 -11.77
C ILE B 200 20.11 6.32 -11.26
N VAL B 201 19.71 5.62 -10.20
CA VAL B 201 18.46 5.89 -9.50
C VAL B 201 18.81 6.40 -8.11
N THR B 202 18.23 7.54 -7.74
CA THR B 202 18.52 8.18 -6.46
C THR B 202 17.23 8.36 -5.67
N CYS B 203 17.25 7.98 -4.40
CA CYS B 203 16.20 8.28 -3.45
C CYS B 203 16.71 9.35 -2.49
N GLN B 204 16.08 10.52 -2.51
CA GLN B 204 16.49 11.64 -1.67
C GLN B 204 15.52 11.78 -0.50
N LEU B 205 16.08 11.95 0.70
CA LEU B 205 15.30 12.33 1.87
C LEU B 205 15.24 13.85 1.95
N GLN B 206 14.02 14.38 2.01
CA GLN B 206 13.80 15.82 2.06
C GLN B 206 12.80 16.13 3.16
N ASP B 207 12.84 17.38 3.63
CA ASP B 207 11.89 17.82 4.65
C ASP B 207 10.55 18.15 3.98
N ALA B 208 9.65 18.79 4.72
CA ALA B 208 8.34 19.10 4.16
C ALA B 208 8.42 20.10 3.01
N ASP B 209 9.38 21.02 3.08
CA ASP B 209 9.53 22.05 2.05
C ASP B 209 10.25 21.55 0.82
N GLY B 210 11.07 20.51 0.95
CA GLY B 210 11.86 19.98 -0.16
C GLY B 210 13.37 20.12 0.02
N LYS B 211 13.84 20.69 1.13
CA LYS B 211 15.27 20.84 1.35
C LYS B 211 15.94 19.48 1.46
N PHE B 212 17.11 19.35 0.83
CA PHE B 212 17.80 18.07 0.79
C PHE B 212 18.37 17.73 2.16
N LEU B 213 18.22 16.47 2.56
CA LEU B 213 18.75 15.96 3.82
C LEU B 213 19.75 14.83 3.62
N SER B 214 19.39 13.81 2.85
CA SER B 214 20.27 12.67 2.61
C SER B 214 19.74 11.90 1.41
N ALA B 215 20.55 10.97 0.94
CA ALA B 215 20.16 10.19 -0.25
C ALA B 215 20.94 8.90 -0.30
N ASP B 216 20.40 7.95 -1.06
CA ASP B 216 21.07 6.72 -1.42
C ASP B 216 20.84 6.47 -2.90
N THR B 217 21.89 6.05 -3.60
CA THR B 217 21.84 5.89 -5.05
C THR B 217 22.29 4.49 -5.44
N VAL B 218 21.66 3.94 -6.49
CA VAL B 218 22.03 2.65 -7.05
C VAL B 218 22.11 2.79 -8.56
N GLN B 219 22.88 1.89 -9.17
CA GLN B 219 23.01 1.81 -10.61
C GLN B 219 22.22 0.59 -11.09
N LEU B 220 21.23 0.83 -11.96
CA LEU B 220 20.33 -0.22 -12.38
C LEU B 220 21.05 -1.28 -13.21
N ASN B 221 20.64 -2.53 -13.04
CA ASN B 221 21.08 -3.66 -13.84
C ASN B 221 19.84 -4.23 -14.51
N VAL B 222 19.61 -3.85 -15.76
CA VAL B 222 18.39 -4.21 -16.49
C VAL B 222 18.76 -5.20 -17.58
N LYS B 223 18.42 -6.47 -17.37
CA LYS B 223 18.65 -7.48 -18.40
C LYS B 223 17.72 -7.24 -19.59
N HIS B 224 18.21 -7.53 -20.78
CA HIS B 224 17.44 -7.33 -21.99
C HIS B 224 18.06 -8.12 -23.13
N THR B 225 17.23 -8.42 -24.14
CA THR B 225 17.69 -9.10 -25.33
C THR B 225 18.59 -8.17 -26.15
N PRO B 226 19.44 -8.74 -27.01
CA PRO B 226 20.32 -7.89 -27.83
C PRO B 226 19.52 -6.93 -28.71
N LYS B 227 19.94 -5.67 -28.71
CA LYS B 227 19.40 -4.66 -29.61
C LYS B 227 20.35 -4.53 -30.80
N LEU B 228 19.83 -4.77 -31.99
CA LEU B 228 20.66 -5.00 -33.17
C LEU B 228 20.51 -3.88 -34.18
N GLU B 229 21.62 -3.54 -34.83
CA GLU B 229 21.66 -2.63 -35.98
C GLU B 229 22.17 -3.40 -37.18
N ILE B 230 21.44 -3.31 -38.30
CA ILE B 230 21.79 -4.02 -39.52
C ILE B 230 22.25 -3.02 -40.57
N LYS B 231 23.33 -3.36 -41.27
CA LYS B 231 23.89 -2.53 -42.31
C LYS B 231 24.15 -3.40 -43.54
N VAL B 232 23.98 -2.81 -44.72
CA VAL B 232 24.06 -3.55 -45.98
C VAL B 232 24.90 -2.75 -46.97
N THR B 233 25.82 -3.45 -47.64
CA THR B 233 26.54 -2.91 -48.78
C THR B 233 26.14 -3.70 -50.02
N PRO B 234 25.63 -3.05 -51.08
CA PRO B 234 25.42 -1.61 -51.27
C PRO B 234 24.35 -1.02 -50.34
N SER B 235 24.47 0.28 -50.06
CA SER B 235 23.57 0.93 -49.10
C SER B 235 22.11 0.80 -49.51
N ASP B 236 21.82 0.73 -50.80
CA ASP B 236 20.49 0.39 -51.28
C ASP B 236 20.48 -1.09 -51.64
N ALA B 237 19.47 -1.80 -51.16
CA ALA B 237 19.44 -3.24 -51.40
C ALA B 237 19.09 -3.60 -52.84
N ILE B 238 18.99 -2.65 -53.76
CA ILE B 238 18.74 -2.94 -55.16
C ILE B 238 20.05 -3.28 -55.84
N VAL B 239 20.17 -4.54 -56.29
CA VAL B 239 21.42 -5.09 -56.81
C VAL B 239 21.12 -5.79 -58.13
N ARG B 240 22.12 -5.81 -59.01
CA ARG B 240 22.01 -6.60 -60.24
C ARG B 240 22.12 -8.09 -59.93
N GLU B 241 21.84 -8.90 -60.94
CA GLU B 241 21.95 -10.35 -60.81
C GLU B 241 23.40 -10.77 -60.99
N GLY B 242 23.98 -11.39 -59.96
CA GLY B 242 25.34 -11.90 -60.02
C GLY B 242 26.35 -11.10 -59.22
N ASP B 243 25.98 -9.95 -58.67
CA ASP B 243 26.89 -9.17 -57.87
C ASP B 243 27.08 -9.82 -56.51
N SER B 244 27.78 -9.13 -55.61
CA SER B 244 28.02 -9.61 -54.26
C SER B 244 27.38 -8.65 -53.26
N VAL B 245 26.75 -9.21 -52.22
CA VAL B 245 26.10 -8.44 -51.19
C VAL B 245 26.61 -8.91 -49.83
N THR B 246 26.98 -7.96 -48.98
CA THR B 246 27.41 -8.25 -47.62
C THR B 246 26.52 -7.50 -46.64
N MET B 247 25.99 -8.22 -45.65
CA MET B 247 25.17 -7.61 -44.60
C MET B 247 25.89 -7.76 -43.27
N THR B 248 25.84 -6.70 -42.47
CA THR B 248 26.58 -6.62 -41.22
C THR B 248 25.62 -6.37 -40.07
N CYS B 249 25.81 -7.10 -38.97
CA CYS B 249 24.98 -7.00 -37.78
C CYS B 249 25.81 -6.49 -36.63
N GLU B 250 25.29 -5.50 -35.91
CA GLU B 250 25.99 -4.86 -34.79
C GLU B 250 25.11 -4.88 -33.56
N VAL B 251 25.72 -5.21 -32.42
CA VAL B 251 25.02 -5.28 -31.13
C VAL B 251 25.18 -3.94 -30.44
N SER B 252 24.12 -3.14 -30.43
CA SER B 252 24.18 -1.84 -29.76
C SER B 252 24.20 -1.99 -28.25
N SER B 253 23.47 -2.96 -27.72
CA SER B 253 23.41 -3.20 -26.28
C SER B 253 22.93 -4.61 -26.03
N SER B 254 23.36 -5.18 -24.91
CA SER B 254 22.99 -6.54 -24.54
C SER B 254 23.39 -6.84 -23.10
N ASN B 255 22.45 -7.38 -22.32
CA ASN B 255 22.72 -7.74 -20.93
C ASN B 255 21.96 -9.01 -20.60
N PRO B 256 22.64 -10.15 -20.38
CA PRO B 256 24.10 -10.32 -20.42
C PRO B 256 24.67 -10.38 -21.84
N GLU B 257 25.91 -10.86 -21.94
CA GLU B 257 26.60 -10.91 -23.22
C GLU B 257 25.85 -11.82 -24.19
N TYR B 258 25.99 -11.51 -25.47
CA TYR B 258 25.36 -12.33 -26.50
C TYR B 258 25.97 -13.73 -26.51
N THR B 259 25.27 -14.66 -27.16
CA THR B 259 25.74 -16.03 -27.30
C THR B 259 25.61 -16.61 -28.70
N THR B 260 24.60 -16.23 -29.49
CA THR B 260 24.32 -16.89 -30.76
C THR B 260 23.92 -15.85 -31.79
N VAL B 261 24.43 -16.01 -33.02
CA VAL B 261 24.04 -15.18 -34.15
C VAL B 261 23.46 -16.09 -35.23
N SER B 262 22.42 -15.61 -35.89
CA SER B 262 21.83 -16.33 -37.01
C SER B 262 21.19 -15.32 -37.95
N TRP B 263 21.06 -15.72 -39.21
CA TRP B 263 20.49 -14.88 -40.25
C TRP B 263 19.21 -15.51 -40.78
N LEU B 264 18.24 -14.66 -41.09
CA LEU B 264 16.92 -15.09 -41.50
C LEU B 264 16.57 -14.46 -42.84
N LYS B 265 16.07 -15.29 -43.76
CA LYS B 265 15.49 -14.81 -45.02
C LYS B 265 14.01 -15.15 -45.01
N ASP B 266 13.17 -14.12 -44.97
CA ASP B 266 11.71 -14.29 -44.95
C ASP B 266 11.26 -15.16 -43.78
N GLY B 267 11.94 -15.01 -42.64
CA GLY B 267 11.57 -15.67 -41.40
C GLY B 267 12.31 -16.96 -41.13
N THR B 268 12.91 -17.58 -42.14
CA THR B 268 13.56 -18.87 -41.99
C THR B 268 15.07 -18.67 -41.83
N SER B 269 15.65 -19.33 -40.82
CA SER B 269 17.08 -19.24 -40.58
C SER B 269 17.86 -19.78 -41.77
N LEU B 270 18.86 -19.02 -42.21
CA LEU B 270 19.76 -19.49 -43.24
C LEU B 270 20.62 -20.63 -42.70
N LYS B 271 21.03 -21.53 -43.60
CA LYS B 271 21.63 -22.81 -43.25
C LYS B 271 22.80 -22.68 -42.27
N LYS B 272 23.98 -22.35 -42.78
CA LYS B 272 25.17 -22.33 -41.93
C LYS B 272 25.73 -20.92 -41.79
N GLN B 273 24.89 -19.98 -41.37
CA GLN B 273 25.28 -18.59 -41.18
C GLN B 273 25.15 -18.26 -39.69
N ASN B 274 26.26 -18.39 -38.96
CA ASN B 274 26.28 -18.16 -37.52
C ASN B 274 27.33 -17.12 -37.13
N THR B 275 27.63 -16.20 -38.03
CA THR B 275 28.53 -15.08 -37.76
C THR B 275 27.78 -13.77 -37.92
N PHE B 276 28.38 -12.69 -37.42
CA PHE B 276 27.78 -11.37 -37.51
C PHE B 276 27.81 -10.79 -38.92
N THR B 277 28.32 -11.52 -39.91
CA THR B 277 28.43 -11.04 -41.28
C THR B 277 27.81 -12.06 -42.22
N LEU B 278 27.01 -11.58 -43.16
CA LEU B 278 26.38 -12.41 -44.19
C LEU B 278 26.89 -11.98 -45.55
N ASN B 279 27.67 -12.85 -46.20
CA ASN B 279 28.19 -12.60 -47.53
C ASN B 279 27.38 -13.41 -48.54
N LEU B 280 26.68 -12.70 -49.43
CA LEU B 280 25.99 -13.34 -50.55
C LEU B 280 26.84 -13.14 -51.80
N ARG B 281 27.38 -14.23 -52.33
CA ARG B 281 28.24 -14.16 -53.51
C ARG B 281 27.39 -14.02 -54.76
N GLU B 282 27.64 -14.86 -55.77
CA GLU B 282 26.91 -14.78 -57.03
C GLU B 282 25.40 -14.85 -56.81
N VAL B 283 24.78 -13.71 -56.53
CA VAL B 283 23.36 -13.69 -56.18
C VAL B 283 22.51 -14.00 -57.40
N THR B 284 21.35 -14.59 -57.15
CA THR B 284 20.35 -14.89 -58.15
C THR B 284 19.01 -14.33 -57.68
N LYS B 285 17.98 -14.49 -58.51
CA LYS B 285 16.64 -14.09 -58.11
C LYS B 285 16.12 -14.93 -56.94
N ASP B 286 16.73 -16.11 -56.70
CA ASP B 286 16.34 -16.92 -55.56
C ASP B 286 16.54 -16.17 -54.25
N GLN B 287 17.71 -15.55 -54.08
CA GLN B 287 18.05 -14.83 -52.86
C GLN B 287 17.64 -13.37 -53.03
N SER B 288 16.34 -13.12 -52.87
CA SER B 288 15.80 -11.79 -53.10
C SER B 288 14.66 -11.45 -52.13
N GLY B 289 14.73 -11.98 -50.90
CA GLY B 289 13.71 -11.76 -49.91
C GLY B 289 14.12 -10.71 -48.89
N LYS B 290 13.41 -10.73 -47.75
CA LYS B 290 13.71 -9.85 -46.64
C LYS B 290 14.68 -10.55 -45.69
N TYR B 291 15.74 -9.85 -45.30
CA TYR B 291 16.81 -10.42 -44.51
C TYR B 291 16.85 -9.77 -43.13
N CYS B 292 16.90 -10.60 -42.09
CA CYS B 292 16.99 -10.15 -40.71
C CYS B 292 18.21 -10.76 -40.04
N CYS B 293 18.71 -10.05 -39.03
CA CYS B 293 19.72 -10.57 -38.14
C CYS B 293 19.09 -10.92 -36.80
N GLN B 294 19.46 -12.06 -36.24
CA GLN B 294 18.98 -12.47 -34.93
C GLN B 294 20.14 -12.82 -34.02
N VAL B 295 20.18 -12.19 -32.85
CA VAL B 295 21.17 -12.48 -31.82
C VAL B 295 20.42 -12.71 -30.51
N SER B 296 20.86 -13.71 -29.76
CA SER B 296 20.24 -14.06 -28.49
C SER B 296 21.27 -14.07 -27.37
N ASN B 297 20.78 -13.83 -26.15
CA ASN B 297 21.64 -13.90 -24.97
C ASN B 297 21.03 -14.83 -23.94
N ASP B 298 21.27 -14.59 -22.66
CA ASP B 298 20.67 -15.42 -21.62
C ASP B 298 19.16 -15.23 -21.57
N VAL B 299 18.67 -14.04 -21.88
CA VAL B 299 17.25 -13.81 -22.09
C VAL B 299 16.91 -14.32 -23.48
N GLY B 300 15.79 -13.87 -24.03
CA GLY B 300 15.37 -14.34 -25.34
C GLY B 300 16.26 -13.86 -26.47
N PRO B 301 15.80 -14.02 -27.70
CA PRO B 301 16.54 -13.49 -28.85
C PRO B 301 16.08 -12.08 -29.23
N GLY B 302 16.93 -11.40 -29.97
CA GLY B 302 16.61 -10.11 -30.54
C GLY B 302 16.84 -10.12 -32.02
N ARG B 303 16.05 -9.29 -32.72
CA ARG B 303 16.12 -9.22 -34.17
C ARG B 303 16.33 -7.78 -34.61
N SER B 304 17.03 -7.62 -35.73
CA SER B 304 17.19 -6.33 -36.37
C SER B 304 16.02 -6.06 -37.30
N GLU B 305 16.00 -4.87 -37.87
CA GLU B 305 15.00 -4.55 -38.88
C GLU B 305 15.27 -5.35 -40.15
N GLU B 306 14.24 -5.44 -40.99
CA GLU B 306 14.36 -6.20 -42.23
C GLU B 306 15.10 -5.39 -43.29
N VAL B 307 15.73 -6.11 -44.21
CA VAL B 307 16.38 -5.52 -45.37
C VAL B 307 15.82 -6.23 -46.60
N PHE B 308 15.08 -5.50 -47.42
CA PHE B 308 14.45 -6.08 -48.61
C PHE B 308 15.45 -6.05 -49.76
N LEU B 309 16.20 -7.15 -49.90
CA LEU B 309 17.15 -7.27 -50.99
C LEU B 309 16.42 -7.46 -52.31
N GLN B 310 16.89 -6.75 -53.34
CA GLN B 310 16.30 -6.82 -54.68
C GLN B 310 17.39 -7.13 -55.68
N VAL B 311 17.27 -8.27 -56.36
CA VAL B 311 18.15 -8.60 -57.48
C VAL B 311 17.34 -8.45 -58.76
N GLN B 312 17.97 -7.87 -59.78
CA GLN B 312 17.28 -7.53 -61.02
C GLN B 312 18.06 -8.00 -62.24
C1 NAG C . 7.01 -21.57 7.01
C2 NAG C . 6.84 -20.07 6.76
C3 NAG C . 6.25 -19.81 5.37
C4 NAG C . 6.99 -20.59 4.29
C5 NAG C . 7.21 -22.04 4.68
C6 NAG C . 8.12 -22.78 3.75
C7 NAG C . 6.31 -18.33 8.42
C8 NAG C . 5.30 -17.86 9.43
N2 NAG C . 6.00 -19.46 7.78
O3 NAG C . 6.30 -18.43 5.09
O4 NAG C . 6.20 -20.62 3.11
O5 NAG C . 7.81 -22.13 5.98
O6 NAG C . 9.44 -22.25 3.77
O7 NAG C . 7.35 -17.72 8.21
C1 NAG C . 6.66 -19.77 2.05
C2 NAG C . 6.19 -20.39 0.74
C3 NAG C . 6.50 -19.48 -0.44
C4 NAG C . 5.95 -18.08 -0.20
C5 NAG C . 6.52 -17.56 1.11
C6 NAG C . 6.01 -16.19 1.48
C7 NAG C . 6.08 -22.82 0.33
C8 NAG C . 6.87 -24.08 0.15
N2 NAG C . 6.79 -21.71 0.54
O3 NAG C . 5.92 -20.03 -1.63
O4 NAG C . 6.33 -17.22 -1.27
O5 NAG C . 6.14 -18.45 2.17
O6 NAG C . 6.65 -15.69 2.65
O7 NAG C . 4.86 -22.80 0.29
C1 BMA C . 5.17 -16.88 -2.07
C2 BMA C . 5.17 -15.34 -2.23
C3 BMA C . 4.13 -14.90 -3.28
C4 BMA C . 4.28 -15.71 -4.57
C5 BMA C . 4.16 -17.20 -4.26
C6 BMA C . 4.29 -18.06 -5.51
O2 BMA C . 6.43 -14.88 -2.69
O3 BMA C . 4.25 -13.51 -3.55
O4 BMA C . 3.28 -15.33 -5.50
O5 BMA C . 5.21 -17.56 -3.34
O6 BMA C . 4.22 -19.43 -5.13
C1 NAG D . -0.86 6.71 23.08
C2 NAG D . -1.07 6.03 21.74
C3 NAG D . -0.69 6.98 20.59
C4 NAG D . -1.40 8.32 20.73
C5 NAG D . -1.20 8.89 22.15
C6 NAG D . -2.02 10.13 22.40
C7 NAG D . -0.80 3.64 21.24
C8 NAG D . 0.15 2.48 21.21
N2 NAG D . -0.29 4.80 21.65
O3 NAG D . -1.04 6.38 19.35
O4 NAG D . -0.81 9.25 19.82
O5 NAG D . -1.61 7.92 23.12
O6 NAG D . -3.41 9.82 22.52
O7 NAG D . -1.97 3.52 20.91
C1 NAG D . -1.67 9.59 18.72
C2 NAG D . -1.31 11.01 18.25
C3 NAG D . -2.09 11.41 17.00
C4 NAG D . -1.94 10.34 15.92
C5 NAG D . -2.32 8.98 16.48
C6 NAG D . -2.12 7.85 15.51
C7 NAG D . -2.52 12.45 19.97
C8 NAG D . -3.84 11.80 19.64
N2 NAG D . -1.42 12.02 19.30
O3 NAG D . -1.62 12.66 16.53
O4 NAG D . -2.78 10.64 14.81
O5 NAG D . -1.52 8.68 17.63
O6 NAG D . -2.88 6.70 15.87
O7 NAG D . -2.44 13.32 20.83
C1 BMA D . -2.03 11.31 13.77
C2 BMA D . -2.52 10.77 12.40
C3 BMA D . -1.91 11.60 11.26
C4 BMA D . -2.10 13.10 11.50
C5 BMA D . -1.50 13.49 12.85
C6 BMA D . -1.66 14.96 13.17
O2 BMA D . -3.93 10.89 12.29
O3 BMA D . -2.47 11.23 10.00
O4 BMA D . -1.47 13.85 10.47
O5 BMA D . -2.18 12.72 13.88
O6 BMA D . -0.42 15.45 13.69
C11 A1JJN E . 0.63 -32.28 28.57
C7 A1JJN E . 0.39 -30.77 28.65
C9 A1JJN E . -2.09 -28.68 26.45
C22 A1JJN E . -2.47 -27.20 26.34
C8 A1JJN E . -4.87 -27.40 25.93
C30 A1JJN E . -5.95 -27.46 24.90
C31 A1JJN E . -7.24 -27.84 25.25
C12 A1JJN E . -8.23 -27.95 24.28
C13 A1JJN E . -7.97 -27.66 22.95
C14 A1JJN E . -9.02 -27.79 21.91
C15 A1JJN E . -10.37 -27.75 22.26
C16 A1JJN E . -11.35 -27.88 21.29
C20 A1JJN E . -6.67 -27.27 22.61
C21 A1JJN E . -5.68 -27.17 23.56
C24 A1JJN E . -5.32 -32.93 28.59
C27 A1JJN E . -7.52 -33.86 30.05
C1 A1JJN E . -1.53 -32.95 26.44
C10 A1JJN E . -0.68 -33.03 28.83
O2 A1JJN E . -1.53 -28.51 28.79
C32 A1JJN E . -0.64 -30.41 27.59
C5 A1JJN E . -1.02 -28.92 27.53
C17 A1JJN E . -11.01 -28.05 19.97
C23 A1JJN E . -4.13 -32.43 27.81
C25 A1JJN E . -5.15 -33.84 29.63
C28 A1JJN E . -7.70 -32.95 29.02
C29 A1JJN E . -6.60 -32.48 28.30
C18 A1JJN E . -9.68 -28.09 19.60
C19 A1JJN E . -8.69 -27.97 20.57
C2 A1JJN E . -1.77 -32.54 27.90
C26 A1JJN E . -6.24 -34.30 30.35
C6 A1JJN E . 2.06 -29.04 29.17
C3 A1JJN E . 3.40 -28.48 28.81
N5 A1JJN E . 1.64 -30.06 28.42
N1 A1JJN E . -3.64 -27.04 25.51
O1A A1JJN E . 1.63 -32.67 29.51
O10 A1JJN E . 1.39 -28.59 30.09
O1 A1JJN E . -1.61 -29.15 25.20
O5 A1JJN E . -5.10 -27.70 27.10
O6 A1JJN E . -1.84 -31.12 27.92
O3 A1JJN E . -2.99 -33.10 28.34
O4 A1JJN E . -2.05 -32.22 25.57
O7 A1JJN E . -0.85 -33.97 26.23
CL1 A1JJN E . -9.30 -32.41 28.67
CL2 A1JJN E . -6.84 -31.36 27.02
C1 GOL F . -15.17 -12.74 8.25
O1 GOL F . -15.03 -11.68 9.14
C2 GOL F . -16.68 -12.95 8.03
O2 GOL F . -17.21 -11.98 7.17
C3 GOL F . -16.82 -14.38 7.46
O3 GOL F . -18.19 -14.61 7.31
C1 GOL G . 20.59 4.65 10.43
O1 GOL G . 21.71 5.13 11.13
C2 GOL G . 20.20 3.32 11.11
O2 GOL G . 21.28 2.43 11.21
C3 GOL G . 19.04 2.77 10.25
O3 GOL G . 18.96 1.41 10.56
C11 A1JJN H . 11.37 -3.42 42.00
C7 A1JJN H . 11.29 -4.23 40.71
C9 A1JJN H . 13.15 -3.56 37.33
C22 A1JJN H . 13.45 -4.42 36.11
C8 A1JJN H . 15.67 -3.52 35.60
C30 A1JJN H . 16.46 -2.59 34.74
C31 A1JJN H . 17.77 -2.27 35.07
C12 A1JJN H . 18.49 -1.34 34.35
C13 A1JJN H . 17.91 -0.68 33.26
C14 A1JJN H . 18.65 0.37 32.52
C15 A1JJN H . 20.04 0.37 32.47
C16 A1JJN H . 20.73 1.37 31.80
C20 A1JJN H . 16.60 -1.02 32.92
C21 A1JJN H . 15.89 -1.95 33.64
C24 A1JJN H . 17.31 -2.58 41.43
C27 A1JJN H . 19.83 -3.33 42.41
C1 A1JJN H . 13.37 -1.19 41.24
C10 A1JJN H . 12.83 -3.35 42.46
O2 A1JJN H . 12.71 -5.56 38.57
C32 A1JJN H . 12.09 -3.50 39.63
C5 A1JJN H . 12.21 -4.26 38.31
C17 A1JJN H . 20.05 2.39 31.18
C23 A1JJN H . 15.95 -2.18 40.92
C25 A1JJN H . 17.47 -3.00 42.75
C28 A1JJN H . 19.68 -2.92 41.10
C29 A1JJN H . 18.44 -2.54 40.61
C18 A1JJN H . 18.66 2.41 31.22
C19 A1JJN H . 17.97 1.41 31.88
C2 A1JJN H . 13.67 -2.70 41.37
C26 A1JJN H . 18.71 -3.37 43.23
C6 A1JJN H . 9.34 -5.59 40.11
C3 A1JJN H . 7.88 -5.57 39.71
N5 A1JJN H . 9.91 -4.40 40.30
N1 A1JJN H . 14.40 -3.76 35.22
O1A A1JJN H . 10.56 -4.04 43.00
O10 A1JJN H . 9.95 -6.64 40.26
O1 A1JJN H . 12.57 -2.32 36.91
O5 A1JJN H . 16.16 -4.02 36.60
O6 A1JJN H . 13.43 -3.30 40.12
O3 A1JJN H . 15.01 -2.87 41.75
O4 A1JJN H . 13.32 -0.74 40.09
O7 A1JJN H . 13.20 -0.55 42.30
CL1 A1JJN H . 21.07 -2.88 40.08
CL2 A1JJN H . 18.27 -2.03 38.97
C1 GOL I . 17.54 -5.97 39.35
O1 GOL I . 16.24 -6.18 39.84
C2 GOL I . 18.50 -6.10 40.55
O2 GOL I . 18.21 -7.21 41.33
C3 GOL I . 19.91 -6.17 39.92
O3 GOL I . 20.39 -7.45 40.15
#